data_8JH1
#
_entry.id   8JH1
#
_cell.length_a   116.240
_cell.length_b   116.240
_cell.length_c   156.710
_cell.angle_alpha   90.00
_cell.angle_beta   90.00
_cell.angle_gamma   90.00
#
_symmetry.space_group_name_H-M   'P 43 21 2'
#
loop_
_entity.id
_entity.type
_entity.pdbx_description
1 polymer 'CRISPR system endoribonuclease Csm6'
2 polymer "RNA (5'-R(P*AP*AP*AP*A)-3')"
3 water water
#
loop_
_entity_poly.entity_id
_entity_poly.type
_entity_poly.pdbx_seq_one_letter_code
_entity_poly.pdbx_strand_id
1 'polypeptide(L)'
;EDLDALWERYREAVRAGGNPQALYQEMVWPALLALWREKPRVYPFPQAFAVSVHTLGTSPEATALAILGAGAERVYVLHT
PESARFLPRLRQDTGKDLYPVEIGKSDVEAIYREVKRLLEKHPEVPVALDLTSGTKAMSAGLAAAGFFFQRFYPKVRVVA
VDNEDYDPELRRPRAGTEKLRILPNPHEALAEVDALFAKELYGKGEFGQAAAYFRGMVGRTGNQAYALYALLAEMYRAWR
ALDFGEALKAGRKLLGQLSQNVWLNHPLNARREALEAQVALLEAVDRFLKARDFALKEGVYGLARTLLHLAQEAKEEAAV
LAALYAYRALELLLQERLALLGRRAEAPGLSPEEAEALRKALAELLGVLPEEVRLPAKLGLLDLLAFLRLKGDEALGRLS
LAELRGLAGALKGRNSALLVHGFDVPSPKAVEGIARLAQGLLQDLEARTALGPLSPEPVPLGF
;
A,B
2 'polyribonucleotide' AAAA C
#
loop_
_chem_comp.id
_chem_comp.type
_chem_comp.name
_chem_comp.formula
A RNA linking ADENOSINE-5'-MONOPHOSPHATE 'C10 H14 N5 O7 P'
#
# COMPACT_ATOMS: atom_id res chain seq x y z
N GLU A 1 -35.42 33.61 13.79
CA GLU A 1 -36.87 33.73 13.69
C GLU A 1 -37.57 32.70 14.60
N ASP A 2 -38.80 33.02 15.03
CA ASP A 2 -39.64 32.11 15.82
C ASP A 2 -40.65 31.37 14.93
N LEU A 3 -40.10 30.50 14.10
CA LEU A 3 -40.85 29.37 13.62
C LEU A 3 -41.10 28.34 14.71
N ASP A 4 -40.52 28.53 15.91
CA ASP A 4 -40.90 27.69 17.04
C ASP A 4 -42.38 27.85 17.35
N ALA A 5 -42.87 29.08 17.25
CA ALA A 5 -44.31 29.32 17.37
C ALA A 5 -45.08 28.51 16.33
N LEU A 6 -44.62 28.55 15.08
CA LEU A 6 -45.32 27.85 14.01
C LEU A 6 -45.30 26.35 14.23
N TRP A 7 -44.16 25.81 14.67
CA TRP A 7 -44.06 24.38 14.93
C TRP A 7 -45.00 23.96 16.04
N GLU A 8 -45.10 24.76 17.10
CA GLU A 8 -46.07 24.43 18.15
C GLU A 8 -47.50 24.48 17.59
N ARG A 9 -47.80 25.46 16.73
CA ARG A 9 -49.14 25.53 16.14
C ARG A 9 -49.42 24.34 15.23
N TYR A 10 -48.41 23.92 14.47
CA TYR A 10 -48.57 22.75 13.62
C TYR A 10 -48.81 21.50 14.46
N ARG A 11 -48.10 21.38 15.58
CA ARG A 11 -48.38 20.29 16.51
C ARG A 11 -49.81 20.35 17.03
N GLU A 12 -50.22 21.54 17.48
CA GLU A 12 -51.58 21.76 17.94
C GLU A 12 -52.59 21.30 16.90
N ALA A 13 -52.30 21.58 15.62
CA ALA A 13 -53.23 21.26 14.54
C ALA A 13 -53.29 19.76 14.29
N VAL A 14 -52.13 19.08 14.28
CA VAL A 14 -52.12 17.64 14.06
C VAL A 14 -52.79 16.91 15.22
N ARG A 15 -52.49 17.30 16.46
CA ARG A 15 -53.09 16.62 17.61
C ARG A 15 -54.61 16.71 17.56
N ALA A 16 -55.13 17.79 16.99
CA ALA A 16 -56.54 17.93 16.67
C ALA A 16 -56.80 17.53 15.23
N GLY A 17 -56.54 16.26 14.92
CA GLY A 17 -57.06 15.61 13.73
C GLY A 17 -56.48 15.99 12.38
N GLY A 18 -55.68 17.05 12.29
CA GLY A 18 -55.18 17.48 11.00
C GLY A 18 -54.25 16.46 10.37
N ASN A 19 -54.19 16.47 9.03
CA ASN A 19 -53.22 15.66 8.29
C ASN A 19 -51.82 16.18 8.56
N PRO A 20 -50.92 15.37 9.12
CA PRO A 20 -49.56 15.88 9.40
C PRO A 20 -48.79 16.28 8.16
N GLN A 21 -48.96 15.58 7.05
CA GLN A 21 -48.16 15.87 5.85
C GLN A 21 -48.60 17.16 5.18
N ALA A 22 -49.90 17.29 4.91
CA ALA A 22 -50.41 18.52 4.31
C ALA A 22 -50.17 19.71 5.25
N LEU A 23 -50.44 19.52 6.54
CA LEU A 23 -50.29 20.63 7.49
C LEU A 23 -48.83 21.05 7.61
N TYR A 24 -47.91 20.09 7.59
CA TYR A 24 -46.49 20.43 7.51
C TYR A 24 -46.20 21.21 6.25
N GLN A 25 -46.83 20.83 5.13
CA GLN A 25 -46.56 21.49 3.87
C GLN A 25 -47.08 22.93 3.85
N GLU A 26 -48.17 23.22 4.58
CA GLU A 26 -48.77 24.55 4.52
C GLU A 26 -48.34 25.46 5.65
N MET A 27 -48.12 24.96 6.87
CA MET A 27 -47.71 25.84 7.96
C MET A 27 -46.20 25.86 8.12
N VAL A 28 -45.59 24.71 8.30
CA VAL A 28 -44.21 24.69 8.72
C VAL A 28 -43.28 24.89 7.53
N TRP A 29 -43.45 24.06 6.52
CA TRP A 29 -42.47 24.01 5.42
C TRP A 29 -42.20 25.36 4.78
N PRO A 30 -43.19 26.19 4.44
CA PRO A 30 -42.88 27.54 3.93
C PRO A 30 -41.89 28.31 4.80
N ALA A 31 -42.14 28.39 6.11
CA ALA A 31 -41.27 29.19 6.97
C ALA A 31 -39.86 28.61 7.06
N LEU A 32 -39.79 27.30 7.30
CA LEU A 32 -38.50 26.64 7.40
C LEU A 32 -37.71 26.85 6.12
N LEU A 33 -38.36 26.61 4.97
CA LEU A 33 -37.72 26.83 3.68
C LEU A 33 -37.26 28.26 3.54
N ALA A 34 -38.05 29.21 4.01
CA ALA A 34 -37.61 30.61 3.97
C ALA A 34 -36.27 30.75 4.65
N LEU A 35 -36.16 30.26 5.88
CA LEU A 35 -34.93 30.42 6.64
C LEU A 35 -33.76 29.75 5.92
N TRP A 36 -33.97 28.55 5.41
CA TRP A 36 -32.86 27.85 4.76
C TRP A 36 -32.46 28.49 3.43
N ARG A 37 -33.41 29.15 2.75
CA ARG A 37 -33.04 29.96 1.59
C ARG A 37 -32.15 31.13 2.01
N GLU A 38 -32.48 31.77 3.13
CA GLU A 38 -31.59 32.82 3.64
C GLU A 38 -30.22 32.24 3.99
N LYS A 39 -30.17 31.41 5.04
CA LYS A 39 -28.93 31.00 5.70
C LYS A 39 -28.94 29.47 5.81
N PRO A 40 -28.47 28.77 4.79
CA PRO A 40 -28.42 27.31 4.89
C PRO A 40 -27.54 26.89 6.05
N ARG A 41 -28.02 25.90 6.81
CA ARG A 41 -27.41 25.48 8.09
C ARG A 41 -26.54 24.26 7.80
N VAL A 42 -25.25 24.49 7.59
CA VAL A 42 -24.29 23.43 7.27
C VAL A 42 -23.33 23.33 8.44
N TYR A 43 -23.30 22.15 9.13
CA TYR A 43 -22.71 22.10 10.47
C TYR A 43 -21.25 22.51 10.43
N PRO A 44 -20.35 21.74 9.82
CA PRO A 44 -18.94 22.09 9.99
C PRO A 44 -18.73 23.50 9.50
N PHE A 45 -19.21 23.78 8.31
CA PHE A 45 -19.32 25.09 7.68
C PHE A 45 -19.88 24.87 6.28
N PRO A 46 -20.58 25.83 5.66
CA PRO A 46 -20.94 25.67 4.25
C PRO A 46 -19.68 25.52 3.41
N GLN A 47 -19.82 24.77 2.34
CA GLN A 47 -18.70 24.51 1.46
C GLN A 47 -19.21 24.51 0.03
N ALA A 48 -18.43 25.12 -0.86
CA ALA A 48 -18.78 25.08 -2.28
C ALA A 48 -18.68 23.65 -2.81
N PHE A 49 -19.74 23.21 -3.47
CA PHE A 49 -19.73 21.92 -4.16
C PHE A 49 -20.06 22.17 -5.62
N ALA A 50 -19.31 21.50 -6.49
CA ALA A 50 -19.73 21.45 -7.89
C ALA A 50 -21.03 20.69 -8.01
N VAL A 51 -21.06 19.50 -7.43
CA VAL A 51 -22.15 18.56 -7.59
C VAL A 51 -22.58 18.08 -6.22
N SER A 52 -23.87 18.10 -5.96
CA SER A 52 -24.44 17.35 -4.86
C SER A 52 -25.31 16.23 -5.42
N VAL A 53 -25.48 15.18 -4.63
CA VAL A 53 -26.14 13.97 -5.10
C VAL A 53 -27.00 13.49 -3.94
N HIS A 54 -28.31 13.49 -4.12
CA HIS A 54 -29.23 13.31 -3.03
C HIS A 54 -30.11 12.11 -3.31
N THR A 55 -30.09 11.15 -2.41
CA THR A 55 -31.18 10.19 -2.37
C THR A 55 -32.48 10.87 -2.00
N LEU A 56 -33.57 10.47 -2.65
CA LEU A 56 -34.88 11.08 -2.45
C LEU A 56 -35.89 10.01 -2.08
N GLY A 57 -36.55 10.23 -0.96
CA GLY A 57 -37.63 9.38 -0.51
C GLY A 57 -38.89 10.23 -0.45
N THR A 58 -39.82 9.87 0.42
CA THR A 58 -41.12 10.53 0.44
C THR A 58 -41.12 11.85 1.20
N SER A 59 -39.99 12.23 1.78
CA SER A 59 -39.86 13.53 2.45
C SER A 59 -38.97 14.40 1.58
N PRO A 60 -39.48 14.96 0.49
CA PRO A 60 -38.61 15.81 -0.33
C PRO A 60 -38.14 17.05 0.42
N GLU A 61 -38.84 17.48 1.48
CA GLU A 61 -38.40 18.67 2.20
C GLU A 61 -37.02 18.45 2.80
N ALA A 62 -36.71 17.21 3.19
CA ALA A 62 -35.36 16.88 3.63
C ALA A 62 -34.34 17.09 2.51
N THR A 63 -34.55 16.46 1.36
CA THR A 63 -33.60 16.69 0.27
C THR A 63 -33.57 18.16 -0.14
N ALA A 64 -34.67 18.87 0.03
CA ALA A 64 -34.66 20.30 -0.24
C ALA A 64 -33.66 21.01 0.66
N LEU A 65 -33.79 20.80 1.97
CA LEU A 65 -32.82 21.36 2.90
C LEU A 65 -31.40 20.98 2.50
N ALA A 66 -31.21 19.70 2.17
CA ALA A 66 -29.86 19.24 1.83
C ALA A 66 -29.33 19.93 0.60
N ILE A 67 -30.18 20.07 -0.44
CA ILE A 67 -29.79 20.74 -1.67
C ILE A 67 -29.39 22.17 -1.36
N LEU A 68 -30.24 22.88 -0.62
CA LEU A 68 -29.95 24.27 -0.32
C LEU A 68 -28.63 24.38 0.42
N GLY A 69 -28.41 23.50 1.40
CA GLY A 69 -27.22 23.60 2.22
C GLY A 69 -25.94 23.32 1.46
N ALA A 70 -25.95 22.29 0.61
CA ALA A 70 -24.76 21.98 -0.16
C ALA A 70 -24.49 23.02 -1.23
N GLY A 71 -25.55 23.71 -1.71
CA GLY A 71 -25.44 24.79 -2.67
C GLY A 71 -24.65 24.45 -3.92
N ALA A 72 -24.74 23.20 -4.36
CA ALA A 72 -24.00 22.74 -5.52
C ALA A 72 -24.71 23.20 -6.79
N GLU A 73 -23.92 23.57 -7.80
CA GLU A 73 -24.52 24.05 -9.05
C GLU A 73 -25.31 22.94 -9.75
N ARG A 74 -24.75 21.73 -9.78
CA ARG A 74 -25.34 20.61 -10.51
C ARG A 74 -25.83 19.53 -9.55
N VAL A 75 -27.15 19.29 -9.54
CA VAL A 75 -27.83 18.57 -8.46
C VAL A 75 -28.40 17.27 -8.98
N TYR A 76 -27.76 16.15 -8.71
CA TYR A 76 -28.39 14.86 -8.96
C TYR A 76 -29.33 14.48 -7.81
N VAL A 77 -30.40 13.77 -8.13
CA VAL A 77 -31.39 13.32 -7.16
C VAL A 77 -31.66 11.84 -7.40
N LEU A 78 -30.94 10.95 -6.70
CA LEU A 78 -31.27 9.54 -6.76
C LEU A 78 -32.67 9.30 -6.22
N HIS A 79 -33.53 8.62 -6.99
CA HIS A 79 -34.91 8.41 -6.58
C HIS A 79 -35.37 7.02 -6.99
N THR A 80 -36.47 6.63 -6.42
CA THR A 80 -37.11 5.37 -6.69
C THR A 80 -38.35 5.61 -7.53
N PRO A 81 -38.90 4.54 -8.13
CA PRO A 81 -40.23 4.69 -8.75
C PRO A 81 -41.25 5.30 -7.79
N GLU A 82 -41.19 4.88 -6.52
CA GLU A 82 -42.17 5.31 -5.54
C GLU A 82 -41.94 6.74 -5.08
N SER A 83 -40.74 7.28 -5.27
CA SER A 83 -40.43 8.63 -4.85
C SER A 83 -40.29 9.61 -6.00
N ALA A 84 -40.22 9.11 -7.25
CA ALA A 84 -40.19 9.99 -8.42
C ALA A 84 -41.26 11.07 -8.36
N ARG A 85 -42.41 10.75 -7.78
CA ARG A 85 -43.54 11.66 -7.71
C ARG A 85 -43.13 13.04 -7.17
N PHE A 86 -42.22 13.09 -6.21
CA PHE A 86 -41.91 14.32 -5.49
C PHE A 86 -40.91 15.21 -6.23
N LEU A 87 -40.42 14.79 -7.39
CA LEU A 87 -39.46 15.61 -8.12
C LEU A 87 -39.99 17.00 -8.43
N PRO A 88 -41.23 17.19 -8.88
CA PRO A 88 -41.74 18.57 -9.06
C PRO A 88 -41.74 19.38 -7.77
N ARG A 89 -42.11 18.76 -6.64
CA ARG A 89 -42.13 19.50 -5.37
C ARG A 89 -40.72 19.94 -5.02
N LEU A 90 -39.75 19.04 -5.20
CA LEU A 90 -38.35 19.34 -4.94
C LEU A 90 -37.85 20.46 -5.85
N ARG A 91 -38.18 20.38 -7.13
CA ARG A 91 -37.82 21.43 -8.08
C ARG A 91 -38.36 22.77 -7.62
N GLN A 92 -39.62 22.82 -7.21
CA GLN A 92 -40.19 24.08 -6.77
C GLN A 92 -39.47 24.61 -5.53
N ASP A 93 -39.23 23.74 -4.56
CA ASP A 93 -38.63 24.14 -3.29
C ASP A 93 -37.21 24.67 -3.46
N THR A 94 -36.39 24.01 -4.29
CA THR A 94 -34.99 24.38 -4.43
C THR A 94 -34.77 25.42 -5.50
N GLY A 95 -35.74 25.64 -6.39
CA GLY A 95 -35.54 26.48 -7.55
C GLY A 95 -34.37 26.02 -8.40
N LYS A 96 -34.13 24.71 -8.50
CA LYS A 96 -32.90 24.20 -9.04
C LYS A 96 -33.18 23.10 -10.04
N ASP A 97 -32.48 23.16 -11.17
CA ASP A 97 -32.59 22.08 -12.13
C ASP A 97 -32.16 20.80 -11.45
N LEU A 98 -32.88 19.72 -11.72
CA LEU A 98 -32.52 18.44 -11.14
C LEU A 98 -32.10 17.46 -12.24
N TYR A 99 -31.22 16.54 -11.85
CA TYR A 99 -30.69 15.47 -12.69
C TYR A 99 -31.15 14.14 -12.15
N PRO A 100 -32.46 13.85 -12.21
CA PRO A 100 -32.97 12.65 -11.54
C PRO A 100 -32.43 11.37 -12.17
N VAL A 101 -32.08 10.42 -11.30
CA VAL A 101 -31.71 9.05 -11.67
C VAL A 101 -32.58 8.11 -10.85
N GLU A 102 -33.37 7.27 -11.53
CA GLU A 102 -34.23 6.28 -10.88
C GLU A 102 -33.43 5.03 -10.49
N ILE A 103 -33.74 4.51 -9.29
CA ILE A 103 -33.03 3.38 -8.68
C ILE A 103 -34.01 2.58 -7.84
N GLY A 104 -33.64 1.33 -7.54
CA GLY A 104 -34.49 0.51 -6.69
C GLY A 104 -34.39 0.92 -5.22
N LYS A 105 -35.52 0.74 -4.50
CA LYS A 105 -35.59 1.07 -3.08
C LYS A 105 -34.54 0.32 -2.24
N SER A 106 -33.90 -0.73 -2.78
CA SER A 106 -32.85 -1.43 -2.05
C SER A 106 -31.65 -1.71 -2.94
N ASP A 107 -31.44 -0.86 -3.95
CA ASP A 107 -30.44 -1.09 -4.98
C ASP A 107 -29.07 -0.54 -4.55
N VAL A 108 -28.47 -1.18 -3.56
CA VAL A 108 -27.20 -0.67 -3.05
C VAL A 108 -26.15 -0.72 -4.17
N GLU A 109 -26.03 -1.85 -4.84
CA GLU A 109 -25.28 -1.94 -6.09
C GLU A 109 -26.10 -1.23 -7.15
N ALA A 110 -25.78 0.03 -7.44
CA ALA A 110 -26.55 0.88 -8.35
C ALA A 110 -26.42 2.31 -7.85
N ILE A 111 -26.73 2.55 -6.58
CA ILE A 111 -26.13 3.71 -5.94
C ILE A 111 -24.63 3.64 -6.16
N TYR A 112 -24.07 2.46 -5.95
CA TYR A 112 -22.64 2.31 -6.09
C TYR A 112 -22.21 2.60 -7.53
N ARG A 113 -22.88 1.98 -8.50
CA ARG A 113 -22.55 2.18 -9.91
C ARG A 113 -22.68 3.66 -10.27
N GLU A 114 -23.73 4.32 -9.78
CA GLU A 114 -24.03 5.71 -10.10
C GLU A 114 -22.96 6.64 -9.53
N VAL A 115 -22.51 6.38 -8.31
CA VAL A 115 -21.45 7.18 -7.72
C VAL A 115 -20.16 7.00 -8.50
N LYS A 116 -19.78 5.75 -8.77
CA LYS A 116 -18.63 5.52 -9.65
C LYS A 116 -18.72 6.40 -10.89
N ARG A 117 -19.92 6.46 -11.50
CA ARG A 117 -20.07 7.19 -12.76
C ARG A 117 -19.94 8.70 -12.55
N LEU A 118 -20.83 9.28 -11.73
CA LEU A 118 -20.79 10.73 -11.54
C LEU A 118 -19.40 11.19 -11.11
N LEU A 119 -18.75 10.42 -10.23
CA LEU A 119 -17.42 10.80 -9.77
C LEU A 119 -16.42 10.76 -10.92
N GLU A 120 -16.44 9.71 -11.74
CA GLU A 120 -15.52 9.69 -12.87
C GLU A 120 -15.73 10.92 -13.75
N LYS A 121 -16.99 11.22 -14.07
CA LYS A 121 -17.27 12.37 -14.94
C LYS A 121 -16.95 13.71 -14.26
N HIS A 122 -16.85 13.75 -12.94
CA HIS A 122 -16.46 14.96 -12.21
C HIS A 122 -15.40 14.58 -11.19
N PRO A 123 -14.22 14.21 -11.65
CA PRO A 123 -13.23 13.62 -10.74
C PRO A 123 -12.53 14.61 -9.82
N GLU A 124 -12.37 15.86 -10.27
CA GLU A 124 -11.51 16.82 -9.60
C GLU A 124 -12.28 17.99 -9.00
N VAL A 125 -13.53 17.77 -8.62
CA VAL A 125 -14.39 18.83 -8.06
C VAL A 125 -15.06 18.35 -6.78
N PRO A 126 -15.36 19.27 -5.85
CA PRO A 126 -16.05 18.88 -4.61
C PRO A 126 -17.45 18.36 -4.90
N VAL A 127 -17.72 17.13 -4.48
CA VAL A 127 -19.01 16.52 -4.71
C VAL A 127 -19.58 16.08 -3.37
N ALA A 128 -20.79 16.53 -3.05
CA ALA A 128 -21.48 16.14 -1.83
C ALA A 128 -22.42 14.98 -2.11
N LEU A 129 -22.27 13.90 -1.37
CA LEU A 129 -23.18 12.77 -1.44
C LEU A 129 -24.10 12.88 -0.23
N ASP A 130 -25.33 13.34 -0.47
CA ASP A 130 -26.29 13.56 0.58
C ASP A 130 -27.17 12.33 0.71
N LEU A 131 -27.19 11.73 1.91
CA LEU A 131 -27.97 10.51 2.09
C LEU A 131 -29.17 10.71 3.01
N THR A 132 -29.67 11.95 3.14
CA THR A 132 -30.78 12.28 4.04
C THR A 132 -32.02 11.46 3.73
N SER A 133 -32.61 11.68 2.55
CA SER A 133 -33.94 11.17 2.22
C SER A 133 -33.82 9.80 1.58
N GLY A 134 -34.88 9.01 1.71
CA GLY A 134 -34.88 7.68 1.12
C GLY A 134 -34.65 6.60 2.15
N THR A 135 -34.62 5.37 1.68
CA THR A 135 -34.54 4.22 2.58
C THR A 135 -33.15 4.10 3.18
N LYS A 136 -33.08 3.41 4.33
CA LYS A 136 -31.79 3.06 4.91
C LYS A 136 -30.90 2.32 3.92
N ALA A 137 -31.46 1.42 3.12
CA ALA A 137 -30.65 0.78 2.09
C ALA A 137 -30.14 1.80 1.08
N MET A 138 -30.97 2.78 0.70
CA MET A 138 -30.53 3.79 -0.27
C MET A 138 -29.38 4.63 0.28
N SER A 139 -29.59 5.21 1.48
CA SER A 139 -28.54 5.98 2.14
C SER A 139 -27.30 5.15 2.36
N ALA A 140 -27.49 3.89 2.75
CA ALA A 140 -26.37 3.01 3.00
C ALA A 140 -25.56 2.78 1.75
N GLY A 141 -26.24 2.61 0.60
CA GLY A 141 -25.53 2.45 -0.65
C GLY A 141 -24.74 3.69 -0.99
N LEU A 142 -25.35 4.86 -0.82
CA LEU A 142 -24.66 6.11 -1.08
C LEU A 142 -23.48 6.27 -0.13
N ALA A 143 -23.63 5.83 1.12
CA ALA A 143 -22.58 6.02 2.11
C ALA A 143 -21.41 5.11 1.83
N ALA A 144 -21.70 3.83 1.56
CA ALA A 144 -20.64 2.90 1.17
C ALA A 144 -19.88 3.44 -0.03
N ALA A 145 -20.62 3.87 -1.06
CA ALA A 145 -19.98 4.43 -2.24
C ALA A 145 -19.12 5.64 -1.87
N GLY A 146 -19.66 6.56 -1.08
CA GLY A 146 -18.90 7.72 -0.69
C GLY A 146 -17.64 7.41 0.08
N PHE A 147 -17.77 6.74 1.23
CA PHE A 147 -16.60 6.47 2.05
C PHE A 147 -15.56 5.68 1.28
N PHE A 148 -15.98 4.88 0.29
CA PHE A 148 -14.99 4.15 -0.49
C PHE A 148 -14.33 5.05 -1.53
N PHE A 149 -15.12 5.72 -2.37
CA PHE A 149 -14.53 6.51 -3.44
C PHE A 149 -13.85 7.76 -2.92
N GLN A 150 -14.08 8.14 -1.68
CA GLN A 150 -13.41 9.31 -1.13
C GLN A 150 -11.90 9.22 -1.29
N ARG A 151 -11.35 8.02 -1.13
CA ARG A 151 -9.90 7.88 -1.22
C ARG A 151 -9.41 8.34 -2.57
N PHE A 152 -10.08 7.93 -3.63
CA PHE A 152 -9.68 8.21 -5.00
C PHE A 152 -10.33 9.47 -5.56
N TYR A 153 -11.33 10.03 -4.88
CA TYR A 153 -12.01 11.25 -5.30
C TYR A 153 -12.09 12.19 -4.11
N PRO A 154 -10.95 12.77 -3.73
CA PRO A 154 -10.79 13.27 -2.36
C PRO A 154 -11.61 14.51 -2.06
N LYS A 155 -12.25 15.11 -3.05
CA LYS A 155 -13.11 16.23 -2.77
C LYS A 155 -14.53 15.80 -2.42
N VAL A 156 -14.80 14.50 -2.42
CA VAL A 156 -16.14 13.99 -2.10
C VAL A 156 -16.42 14.15 -0.61
N ARG A 157 -17.59 14.69 -0.28
CA ARG A 157 -18.07 14.76 1.10
C ARG A 157 -19.39 14.00 1.21
N VAL A 158 -19.38 12.91 1.96
CA VAL A 158 -20.64 12.30 2.37
C VAL A 158 -21.32 13.19 3.42
N VAL A 159 -22.55 13.61 3.14
CA VAL A 159 -23.24 14.55 4.02
C VAL A 159 -24.66 14.07 4.28
N ALA A 160 -25.27 14.66 5.32
CA ALA A 160 -26.57 14.18 5.81
C ALA A 160 -27.22 15.24 6.68
N VAL A 161 -28.54 15.36 6.57
CA VAL A 161 -29.28 16.34 7.36
C VAL A 161 -29.58 15.72 8.72
N ASP A 162 -28.78 16.11 9.70
CA ASP A 162 -29.00 15.86 11.11
C ASP A 162 -30.07 16.79 11.68
N ASN A 163 -30.49 16.52 12.91
CA ASN A 163 -31.43 17.39 13.59
C ASN A 163 -31.17 17.27 15.07
N GLU A 164 -31.43 18.35 15.79
CA GLU A 164 -31.14 18.36 17.21
C GLU A 164 -32.37 18.03 18.06
N ASP A 165 -33.51 17.74 17.42
CA ASP A 165 -34.74 17.37 18.12
C ASP A 165 -35.65 16.64 17.14
N TYR A 166 -35.86 15.33 17.33
CA TYR A 166 -36.69 14.56 16.41
C TYR A 166 -37.99 14.19 17.12
N ASP A 167 -39.13 14.62 16.55
CA ASP A 167 -40.42 14.28 17.14
C ASP A 167 -40.74 12.81 16.84
N PRO A 168 -40.58 11.91 17.81
CA PRO A 168 -40.74 10.48 17.53
C PRO A 168 -42.15 10.11 17.15
N GLU A 169 -43.10 10.96 17.52
CA GLU A 169 -44.53 10.75 17.30
C GLU A 169 -44.99 11.27 15.95
N LEU A 170 -44.53 12.48 15.59
CA LEU A 170 -44.58 12.97 14.22
C LEU A 170 -43.62 12.26 13.29
N ARG A 171 -42.74 11.43 13.82
CA ARG A 171 -41.66 10.80 13.06
C ARG A 171 -41.03 11.80 12.09
N ARG A 172 -40.70 12.97 12.62
CA ARG A 172 -40.16 14.11 11.87
C ARG A 172 -39.15 14.83 12.75
N PRO A 173 -38.22 15.56 12.13
CA PRO A 173 -37.46 16.54 12.92
C PRO A 173 -38.34 17.71 13.31
N ARG A 174 -38.18 18.20 14.54
CA ARG A 174 -38.77 19.49 14.89
C ARG A 174 -38.13 20.57 14.04
N ALA A 175 -38.98 21.37 13.40
CA ALA A 175 -38.51 22.31 12.38
C ALA A 175 -37.58 23.35 12.98
N GLY A 176 -36.45 23.59 12.30
CA GLY A 176 -35.43 24.50 12.75
C GLY A 176 -34.22 23.83 13.35
N THR A 177 -34.41 22.68 13.98
CA THR A 177 -33.32 21.92 14.57
C THR A 177 -32.49 21.15 13.55
N GLU A 178 -32.90 21.14 12.28
CA GLU A 178 -32.18 20.44 11.24
C GLU A 178 -30.91 21.19 10.88
N LYS A 179 -29.94 20.45 10.34
CA LYS A 179 -28.67 21.04 9.96
C LYS A 179 -28.03 20.05 8.99
N LEU A 180 -27.41 20.57 7.94
CA LEU A 180 -26.69 19.71 7.02
C LEU A 180 -25.28 19.48 7.57
N ARG A 181 -24.81 18.25 7.54
CA ARG A 181 -23.63 17.88 8.30
C ARG A 181 -22.71 17.02 7.46
N ILE A 182 -21.45 17.45 7.30
CA ILE A 182 -20.47 16.57 6.69
C ILE A 182 -20.25 15.40 7.64
N LEU A 183 -20.60 14.22 7.21
CA LEU A 183 -20.31 13.06 8.03
C LEU A 183 -18.84 12.67 7.87
N PRO A 184 -18.11 12.43 8.96
CA PRO A 184 -16.74 11.92 8.81
C PRO A 184 -16.73 10.60 8.08
N ASN A 185 -15.74 10.42 7.22
CA ASN A 185 -15.51 9.12 6.62
C ASN A 185 -14.78 8.25 7.64
N PRO A 186 -15.39 7.17 8.15
CA PRO A 186 -14.64 6.30 9.07
C PRO A 186 -13.47 5.59 8.43
N HIS A 187 -13.60 5.12 7.17
CA HIS A 187 -12.46 4.47 6.53
C HIS A 187 -11.24 5.37 6.58
N GLU A 188 -11.40 6.60 6.07
CA GLU A 188 -10.35 7.61 6.17
C GLU A 188 -9.86 7.80 7.61
N ALA A 189 -10.79 8.19 8.49
CA ALA A 189 -10.44 8.60 9.85
C ALA A 189 -9.61 7.53 10.53
N LEU A 190 -9.94 6.27 10.30
CA LEU A 190 -9.18 5.20 10.89
C LEU A 190 -8.03 4.77 10.00
N ALA A 191 -8.05 5.20 8.73
CA ALA A 191 -7.03 4.85 7.76
C ALA A 191 -6.83 3.35 7.68
N GLU A 192 -7.94 2.60 7.67
CA GLU A 192 -7.84 1.15 7.64
C GLU A 192 -7.14 0.69 6.37
N VAL A 193 -7.37 1.38 5.25
CA VAL A 193 -6.76 0.96 4.00
C VAL A 193 -5.26 1.28 4.02
N ASP A 194 -4.89 2.50 4.43
CA ASP A 194 -3.47 2.83 4.53
C ASP A 194 -2.76 1.83 5.41
N ALA A 195 -3.40 1.43 6.50
CA ALA A 195 -2.86 0.34 7.31
C ALA A 195 -2.70 -0.93 6.50
N LEU A 196 -3.74 -1.33 5.76
CA LEU A 196 -3.67 -2.63 5.06
C LEU A 196 -2.52 -2.63 4.06
N PHE A 197 -2.36 -1.52 3.34
CA PHE A 197 -1.23 -1.39 2.42
C PHE A 197 0.08 -1.41 3.16
N ALA A 198 0.20 -0.62 4.24
CA ALA A 198 1.44 -0.59 4.99
C ALA A 198 1.78 -1.95 5.56
N LYS A 199 0.76 -2.71 5.97
CA LYS A 199 0.98 -4.07 6.43
C LYS A 199 1.49 -4.95 5.31
N GLU A 200 0.90 -4.79 4.11
CA GLU A 200 1.32 -5.56 2.94
C GLU A 200 2.77 -5.27 2.61
N LEU A 201 3.13 -3.99 2.49
CA LEU A 201 4.53 -3.62 2.22
C LEU A 201 5.46 -4.06 3.35
N TYR A 202 5.07 -3.81 4.60
CA TYR A 202 5.89 -4.17 5.74
C TYR A 202 6.22 -5.66 5.72
N GLY A 203 5.19 -6.49 5.57
CA GLY A 203 5.45 -7.91 5.46
C GLY A 203 6.34 -8.23 4.28
N LYS A 204 6.04 -7.65 3.12
CA LYS A 204 6.74 -7.95 1.87
C LYS A 204 8.14 -7.34 1.83
N GLY A 205 8.52 -6.53 2.83
CA GLY A 205 9.86 -5.99 2.97
C GLY A 205 10.03 -4.56 2.48
N GLU A 206 8.98 -3.97 1.92
CA GLU A 206 9.03 -2.60 1.38
C GLU A 206 8.93 -1.61 2.53
N PHE A 207 9.97 -1.59 3.36
CA PHE A 207 9.89 -0.87 4.62
C PHE A 207 9.71 0.61 4.37
N GLY A 208 10.52 1.19 3.48
CA GLY A 208 10.39 2.61 3.22
C GLY A 208 8.99 3.01 2.79
N GLN A 209 8.35 2.18 1.97
CA GLN A 209 7.04 2.53 1.44
C GLN A 209 5.96 2.36 2.51
N ALA A 210 6.06 1.30 3.32
CA ALA A 210 5.19 1.19 4.49
C ALA A 210 5.37 2.39 5.41
N ALA A 211 6.62 2.86 5.55
CA ALA A 211 6.90 4.00 6.41
C ALA A 211 6.16 5.24 5.91
N ALA A 212 6.20 5.47 4.60
CA ALA A 212 5.47 6.62 4.05
C ALA A 212 3.98 6.47 4.32
N TYR A 213 3.46 5.26 4.21
CA TYR A 213 2.04 5.06 4.47
C TYR A 213 1.69 5.37 5.91
N PHE A 214 2.54 4.94 6.84
CA PHE A 214 2.31 5.21 8.26
C PHE A 214 2.38 6.70 8.55
N ARG A 215 3.39 7.39 7.98
CA ARG A 215 3.49 8.83 8.21
C ARG A 215 2.25 9.55 7.71
N GLY A 216 1.73 9.14 6.55
CA GLY A 216 0.49 9.73 6.10
C GLY A 216 -0.68 9.31 6.96
N MET A 217 -0.61 8.10 7.50
CA MET A 217 -1.62 7.62 8.42
C MET A 217 -1.76 8.55 9.62
N VAL A 218 -0.64 9.10 10.09
CA VAL A 218 -0.73 10.04 11.21
C VAL A 218 -1.66 11.19 10.83
N GLY A 219 -1.43 11.78 9.66
CA GLY A 219 -2.22 12.94 9.25
C GLY A 219 -3.67 12.61 8.98
N ARG A 220 -3.94 11.43 8.40
CA ARG A 220 -5.33 11.03 8.16
C ARG A 220 -6.06 10.64 9.44
N THR A 221 -5.34 10.17 10.46
CA THR A 221 -6.02 9.71 11.67
C THR A 221 -5.90 10.67 12.85
N GLY A 222 -5.01 11.63 12.79
CA GLY A 222 -4.72 12.42 13.96
C GLY A 222 -4.14 11.64 15.12
N ASN A 223 -3.77 10.38 14.89
CA ASN A 223 -3.26 9.50 15.93
C ASN A 223 -1.78 9.29 15.68
N GLN A 224 -0.97 9.71 16.62
CA GLN A 224 0.47 9.55 16.47
C GLN A 224 0.94 8.14 16.77
N ALA A 225 0.04 7.24 17.14
CA ALA A 225 0.36 5.83 17.19
C ALA A 225 1.16 5.43 15.96
N TYR A 226 0.64 5.77 14.78
CA TYR A 226 1.26 5.36 13.52
C TYR A 226 2.59 6.04 13.29
N ALA A 227 2.84 7.18 13.96
CA ALA A 227 4.18 7.77 13.95
C ALA A 227 5.20 6.76 14.43
N LEU A 228 4.93 6.12 15.58
CA LEU A 228 5.79 5.03 16.06
C LEU A 228 5.95 3.98 14.97
N TYR A 229 4.81 3.58 14.36
CA TYR A 229 4.85 2.58 13.30
C TYR A 229 5.78 3.03 12.19
N ALA A 230 5.64 4.29 11.77
CA ALA A 230 6.53 4.86 10.77
C ALA A 230 7.98 4.70 11.19
N LEU A 231 8.29 5.12 12.43
CA LEU A 231 9.63 4.97 12.95
C LEU A 231 10.08 3.53 12.82
N LEU A 232 9.22 2.58 13.20
CA LEU A 232 9.61 1.17 13.08
C LEU A 232 9.96 0.83 11.64
N ALA A 233 9.06 1.15 10.71
CA ALA A 233 9.37 0.88 9.31
C ALA A 233 10.59 1.67 8.87
N GLU A 234 10.69 2.93 9.33
CA GLU A 234 11.89 3.71 9.12
C GLU A 234 13.12 2.88 9.48
N MET A 235 13.14 2.36 10.71
CA MET A 235 14.32 1.63 11.15
C MET A 235 14.58 0.45 10.25
N TYR A 236 13.53 -0.32 9.91
CA TYR A 236 13.80 -1.49 9.10
C TYR A 236 14.32 -1.09 7.73
N ARG A 237 13.79 -0.01 7.16
CA ARG A 237 14.35 0.46 5.90
C ARG A 237 15.83 0.76 6.07
N ALA A 238 16.17 1.59 7.05
CA ALA A 238 17.57 1.96 7.24
C ALA A 238 18.41 0.73 7.51
N TRP A 239 17.82 -0.24 8.20
CA TRP A 239 18.56 -1.47 8.48
C TRP A 239 18.84 -2.22 7.18
N ARG A 240 17.81 -2.44 6.35
CA ARG A 240 18.07 -3.15 5.11
C ARG A 240 18.92 -2.32 4.17
N ALA A 241 18.78 -0.99 4.24
CA ALA A 241 19.68 -0.09 3.51
C ALA A 241 21.12 -0.22 3.96
N LEU A 242 21.39 -1.00 5.00
CA LEU A 242 22.74 -1.19 5.55
C LEU A 242 23.31 0.08 6.14
N ASP A 243 22.46 1.04 6.48
CA ASP A 243 22.88 2.22 7.23
C ASP A 243 22.52 2.00 8.70
N PHE A 244 23.43 1.37 9.43
CA PHE A 244 23.08 0.92 10.78
C PHE A 244 23.01 2.07 11.77
N GLY A 245 23.72 3.17 11.54
CA GLY A 245 23.54 4.33 12.38
C GLY A 245 22.15 4.94 12.23
N GLU A 246 21.65 5.03 10.98
CA GLU A 246 20.29 5.51 10.78
C GLU A 246 19.29 4.58 11.45
N ALA A 247 19.47 3.27 11.29
CA ALA A 247 18.60 2.30 11.92
C ALA A 247 18.66 2.41 13.43
N LEU A 248 19.87 2.54 13.98
CA LEU A 248 20.03 2.66 15.43
C LEU A 248 19.36 3.92 15.94
N LYS A 249 19.57 5.05 15.26
CA LYS A 249 18.93 6.29 15.68
C LYS A 249 17.41 6.12 15.73
N ALA A 250 16.82 5.63 14.63
CA ALA A 250 15.38 5.46 14.58
C ALA A 250 14.90 4.48 15.64
N GLY A 251 15.58 3.34 15.76
CA GLY A 251 15.17 2.35 16.74
C GLY A 251 15.18 2.92 18.15
N ARG A 252 16.23 3.65 18.50
CA ARG A 252 16.31 4.21 19.85
C ARG A 252 15.22 5.23 20.07
N LYS A 253 14.94 6.05 19.05
CA LYS A 253 13.81 6.97 19.14
C LYS A 253 12.54 6.21 19.45
N LEU A 254 12.32 5.12 18.72
CA LEU A 254 11.12 4.31 18.87
C LEU A 254 11.03 3.71 20.26
N LEU A 255 12.14 3.13 20.75
CA LEU A 255 12.16 2.57 22.09
C LEU A 255 11.89 3.64 23.13
N GLY A 256 12.37 4.87 22.89
CA GLY A 256 12.08 5.96 23.80
C GLY A 256 10.62 6.37 23.77
N GLN A 257 9.99 6.21 22.63
CA GLN A 257 8.56 6.51 22.57
C GLN A 257 7.75 5.41 23.24
N LEU A 258 8.09 4.15 22.98
CA LEU A 258 7.40 3.03 23.61
C LEU A 258 7.67 2.97 25.09
N SER A 259 8.70 3.65 25.57
CA SER A 259 8.94 3.79 26.99
C SER A 259 7.95 4.74 27.62
N GLN A 260 7.40 5.66 26.84
CA GLN A 260 6.56 6.72 27.38
C GLN A 260 5.20 6.17 27.81
N ASN A 261 4.54 6.96 28.66
CA ASN A 261 3.22 6.60 29.17
C ASN A 261 2.22 6.39 28.03
N VAL A 262 2.21 7.31 27.05
CA VAL A 262 1.18 7.32 26.00
C VAL A 262 1.13 5.98 25.30
N TRP A 263 2.28 5.36 25.10
CA TRP A 263 2.37 4.23 24.20
C TRP A 263 2.77 2.95 24.94
N LEU A 264 2.39 2.88 26.22
CA LEU A 264 2.51 1.63 26.96
C LEU A 264 1.72 0.51 26.29
N ASN A 265 0.51 0.81 25.84
CA ASN A 265 -0.36 -0.19 25.21
C ASN A 265 -0.26 -0.17 23.69
N HIS A 266 0.66 0.60 23.17
CA HIS A 266 0.91 0.56 21.75
C HIS A 266 1.22 -0.88 21.34
N PRO A 267 0.64 -1.35 20.23
CA PRO A 267 0.78 -2.77 19.88
C PRO A 267 2.21 -3.20 19.66
N LEU A 268 3.11 -2.29 19.29
CA LEU A 268 4.50 -2.68 19.12
C LEU A 268 5.14 -3.04 20.44
N ASN A 269 4.62 -2.49 21.55
CA ASN A 269 5.14 -2.92 22.85
C ASN A 269 4.87 -4.40 23.09
N ALA A 270 3.88 -4.97 22.40
CA ALA A 270 3.64 -6.40 22.55
C ALA A 270 4.86 -7.21 22.12
N ARG A 271 5.73 -6.63 21.31
CA ARG A 271 6.96 -7.32 20.90
C ARG A 271 8.20 -6.58 21.38
N ARG A 272 8.07 -5.79 22.46
CA ARG A 272 9.18 -4.90 22.89
C ARG A 272 10.48 -5.64 23.08
N GLU A 273 10.44 -6.84 23.70
CA GLU A 273 11.66 -7.62 23.89
C GLU A 273 12.40 -7.82 22.56
N ALA A 274 11.66 -8.19 21.51
CA ALA A 274 12.24 -8.23 20.17
C ALA A 274 12.88 -6.89 19.80
N LEU A 275 12.10 -5.81 19.90
CA LEU A 275 12.62 -4.52 19.44
C LEU A 275 13.92 -4.20 20.15
N GLU A 276 13.88 -4.22 21.49
CA GLU A 276 15.05 -4.11 22.36
C GLU A 276 16.23 -4.95 21.86
N ALA A 277 16.00 -6.26 21.69
CA ALA A 277 17.05 -7.12 21.16
C ALA A 277 17.59 -6.56 19.86
N GLN A 278 16.68 -6.28 18.91
CA GLN A 278 17.10 -5.85 17.59
C GLN A 278 17.86 -4.54 17.67
N VAL A 279 17.40 -3.63 18.53
CA VAL A 279 18.08 -2.34 18.60
C VAL A 279 19.46 -2.52 19.21
N ALA A 280 19.57 -3.39 20.23
CA ALA A 280 20.88 -3.77 20.73
C ALA A 280 21.76 -4.28 19.60
N LEU A 281 21.22 -5.19 18.77
CA LEU A 281 21.97 -5.65 17.61
C LEU A 281 22.39 -4.47 16.76
N LEU A 282 21.46 -3.54 16.53
CA LEU A 282 21.80 -2.37 15.75
C LEU A 282 23.03 -1.70 16.32
N GLU A 283 22.98 -1.42 17.63
CA GLU A 283 24.12 -0.78 18.28
C GLU A 283 25.39 -1.61 18.12
N ALA A 284 25.27 -2.94 18.29
CA ALA A 284 26.40 -3.82 18.07
C ALA A 284 27.01 -3.56 16.69
N VAL A 285 26.20 -3.71 15.65
CA VAL A 285 26.69 -3.46 14.30
C VAL A 285 27.27 -2.05 14.20
N ASP A 286 26.56 -1.07 14.73
CA ASP A 286 27.00 0.31 14.60
C ASP A 286 28.35 0.50 15.29
N ARG A 287 28.53 -0.13 16.46
CA ARG A 287 29.83 -0.05 17.13
C ARG A 287 30.90 -0.72 16.26
N PHE A 288 30.58 -1.89 15.71
CA PHE A 288 31.57 -2.66 14.95
C PHE A 288 31.95 -1.96 13.64
N LEU A 289 30.95 -1.46 12.90
CA LEU A 289 31.25 -0.69 11.69
C LEU A 289 32.11 0.53 12.03
N LYS A 290 31.93 1.10 13.22
CA LYS A 290 32.75 2.24 13.57
C LYS A 290 34.18 1.80 13.87
N ALA A 291 34.37 0.58 14.37
CA ALA A 291 35.69 0.15 14.80
C ALA A 291 36.39 -0.76 13.80
N ARG A 292 35.63 -1.54 13.03
CA ARG A 292 36.18 -2.59 12.17
C ARG A 292 37.05 -3.57 12.95
N ASP A 293 36.72 -3.73 14.23
CA ASP A 293 37.40 -4.65 15.14
C ASP A 293 36.55 -5.92 15.23
N PHE A 294 37.12 -7.06 14.82
CA PHE A 294 36.34 -8.29 14.74
C PHE A 294 36.24 -9.02 16.08
N ALA A 295 36.77 -8.45 17.15
CA ALA A 295 36.38 -8.92 18.47
C ALA A 295 34.93 -8.54 18.77
N LEU A 296 34.42 -7.50 18.10
CA LEU A 296 33.04 -7.14 18.25
C LEU A 296 32.18 -8.19 17.58
N LYS A 297 32.19 -9.42 18.13
CA LYS A 297 31.53 -10.55 17.48
C LYS A 297 30.05 -10.31 17.29
N GLU A 298 29.44 -9.51 18.18
CA GLU A 298 28.01 -9.26 18.06
C GLU A 298 27.71 -8.35 16.88
N GLY A 299 28.54 -7.32 16.67
CA GLY A 299 28.37 -6.49 15.47
C GLY A 299 28.63 -7.25 14.19
N VAL A 300 29.73 -8.01 14.15
CA VAL A 300 30.00 -8.84 12.98
C VAL A 300 28.85 -9.78 12.73
N TYR A 301 28.34 -10.42 13.78
CA TYR A 301 27.23 -11.36 13.61
C TYR A 301 25.99 -10.67 13.10
N GLY A 302 25.67 -9.50 13.65
CA GLY A 302 24.49 -8.79 13.21
C GLY A 302 24.59 -8.41 11.76
N LEU A 303 25.76 -7.94 11.33
CA LEU A 303 25.85 -7.46 9.97
C LEU A 303 25.91 -8.62 8.98
N ALA A 304 26.58 -9.71 9.33
CA ALA A 304 26.47 -10.93 8.52
C ALA A 304 25.04 -11.45 8.47
N ARG A 305 24.32 -11.43 9.60
CA ARG A 305 22.92 -11.84 9.63
C ARG A 305 22.08 -10.96 8.72
N THR A 306 22.33 -9.64 8.75
CA THR A 306 21.61 -8.70 7.88
C THR A 306 21.84 -9.02 6.42
N LEU A 307 23.10 -9.23 6.04
CA LEU A 307 23.39 -9.56 4.65
C LEU A 307 22.78 -10.89 4.26
N LEU A 308 22.91 -11.90 5.11
CA LEU A 308 22.37 -13.21 4.77
C LEU A 308 20.86 -13.15 4.62
N HIS A 309 20.18 -12.31 5.41
CA HIS A 309 18.74 -12.22 5.25
C HIS A 309 18.36 -11.40 4.04
N LEU A 310 19.14 -10.36 3.70
CA LEU A 310 18.85 -9.65 2.46
C LEU A 310 19.01 -10.55 1.26
N ALA A 311 20.06 -11.39 1.27
CA ALA A 311 20.28 -12.37 0.20
C ALA A 311 19.23 -13.48 0.22
N GLN A 312 18.58 -13.73 1.35
CA GLN A 312 17.39 -14.58 1.33
C GLN A 312 16.20 -13.87 0.70
N GLU A 313 16.03 -12.58 0.99
CA GLU A 313 14.88 -11.86 0.43
C GLU A 313 14.99 -11.74 -1.08
N ALA A 314 16.16 -11.35 -1.57
CA ALA A 314 16.32 -10.94 -2.96
C ALA A 314 16.44 -12.10 -3.93
N LYS A 315 16.69 -13.32 -3.43
CA LYS A 315 17.04 -14.43 -4.32
C LYS A 315 15.92 -14.77 -5.29
N GLU A 316 14.68 -14.44 -4.93
CA GLU A 316 13.54 -14.71 -5.81
C GLU A 316 13.57 -13.84 -7.06
N GLU A 317 13.83 -12.53 -6.89
CA GLU A 317 13.74 -11.52 -7.94
C GLU A 317 15.03 -10.75 -8.15
N ALA A 318 15.63 -10.23 -7.08
CA ALA A 318 16.81 -9.40 -7.24
C ALA A 318 18.07 -10.22 -7.47
N ALA A 319 17.97 -11.54 -7.38
CA ALA A 319 18.88 -12.53 -7.98
C ALA A 319 20.35 -12.12 -8.04
N VAL A 320 20.69 -11.06 -8.78
CA VAL A 320 22.05 -10.54 -8.70
C VAL A 320 22.30 -10.00 -7.30
N LEU A 321 21.41 -9.13 -6.84
CA LEU A 321 21.51 -8.55 -5.51
C LEU A 321 21.72 -9.63 -4.47
N ALA A 322 20.99 -10.75 -4.61
CA ALA A 322 21.07 -11.83 -3.63
C ALA A 322 22.48 -12.41 -3.56
N ALA A 323 23.11 -12.59 -4.70
CA ALA A 323 24.50 -13.05 -4.70
C ALA A 323 25.43 -12.01 -4.07
N LEU A 324 25.28 -10.73 -4.40
CA LEU A 324 26.17 -9.76 -3.79
C LEU A 324 26.08 -9.82 -2.27
N TYR A 325 24.85 -9.85 -1.74
CA TYR A 325 24.66 -9.95 -0.30
C TYR A 325 25.28 -11.22 0.26
N ALA A 326 25.13 -12.35 -0.44
CA ALA A 326 25.70 -13.60 0.05
C ALA A 326 27.23 -13.55 0.09
N TYR A 327 27.84 -13.07 -1.00
CA TYR A 327 29.30 -12.96 -1.02
C TYR A 327 29.80 -12.08 0.10
N ARG A 328 29.14 -10.94 0.32
CA ARG A 328 29.56 -10.05 1.39
C ARG A 328 29.44 -10.74 2.74
N ALA A 329 28.35 -11.47 2.97
CA ALA A 329 28.19 -12.20 4.21
C ALA A 329 29.28 -13.24 4.39
N LEU A 330 29.60 -13.99 3.34
CA LEU A 330 30.63 -15.01 3.47
C LEU A 330 31.98 -14.39 3.76
N GLU A 331 32.41 -13.41 2.96
CA GLU A 331 33.66 -12.69 3.20
C GLU A 331 33.73 -12.16 4.61
N LEU A 332 32.59 -11.73 5.16
CA LEU A 332 32.53 -11.24 6.53
C LEU A 332 32.78 -12.36 7.52
N LEU A 333 31.93 -13.39 7.47
CA LEU A 333 32.08 -14.52 8.39
C LEU A 333 33.50 -15.06 8.35
N LEU A 334 34.07 -15.11 7.15
CA LEU A 334 35.44 -15.57 6.94
C LEU A 334 36.46 -14.65 7.60
N GLN A 335 36.31 -13.33 7.43
CA GLN A 335 37.22 -12.40 8.07
C GLN A 335 37.12 -12.47 9.59
N GLU A 336 35.96 -12.82 10.11
CA GLU A 336 35.83 -12.95 11.55
C GLU A 336 36.53 -14.22 12.05
N ARG A 337 36.31 -15.37 11.38
CA ARG A 337 37.06 -16.56 11.75
C ARG A 337 38.56 -16.31 11.62
N LEU A 338 38.96 -15.52 10.61
CA LEU A 338 40.37 -15.20 10.43
C LEU A 338 40.90 -14.26 11.50
N ALA A 339 40.07 -13.31 11.96
CA ALA A 339 40.52 -12.40 12.98
C ALA A 339 40.70 -13.11 14.31
N LEU A 340 39.91 -14.18 14.51
CA LEU A 340 40.06 -15.10 15.64
C LEU A 340 41.44 -15.71 15.71
N LEU A 341 42.15 -15.74 14.57
CA LEU A 341 43.50 -16.27 14.44
C LEU A 341 44.57 -15.17 14.43
N GLY A 342 44.22 -13.95 14.80
CA GLY A 342 45.15 -12.84 14.78
C GLY A 342 45.50 -12.29 13.41
N ARG A 343 44.88 -12.81 12.34
CA ARG A 343 45.23 -12.44 10.98
C ARG A 343 44.13 -11.59 10.37
N ARG A 344 44.52 -10.68 9.47
CA ARG A 344 43.58 -9.85 8.74
C ARG A 344 43.58 -10.31 7.29
N ALA A 345 42.40 -10.59 6.75
CA ALA A 345 42.31 -10.97 5.33
C ALA A 345 42.93 -9.89 4.46
N GLU A 346 42.75 -8.63 4.86
CA GLU A 346 43.04 -7.49 4.02
C GLU A 346 44.53 -7.46 3.66
N ALA A 347 45.38 -7.78 4.58
CA ALA A 347 46.83 -7.93 4.32
C ALA A 347 47.37 -9.08 5.18
N PRO A 348 47.51 -10.26 4.60
CA PRO A 348 47.99 -11.39 5.38
C PRO A 348 49.51 -11.38 5.45
N GLY A 349 50.05 -11.33 6.65
CA GLY A 349 51.48 -11.43 6.80
C GLY A 349 51.91 -12.88 6.65
N LEU A 350 51.50 -13.53 5.55
CA LEU A 350 51.81 -14.93 5.36
C LEU A 350 53.31 -15.09 5.07
N SER A 351 53.97 -15.91 5.88
CA SER A 351 55.37 -16.23 5.69
C SER A 351 55.53 -17.08 4.42
N PRO A 352 56.72 -17.10 3.84
CA PRO A 352 56.91 -17.90 2.63
C PRO A 352 56.46 -19.36 2.78
N GLU A 353 56.55 -19.95 3.98
CA GLU A 353 56.02 -21.29 4.19
C GLU A 353 54.50 -21.32 3.99
N GLU A 354 53.80 -20.33 4.55
CA GLU A 354 52.35 -20.28 4.39
C GLU A 354 51.96 -20.00 2.95
N ALA A 355 52.70 -19.12 2.27
CA ALA A 355 52.50 -18.94 0.84
C ALA A 355 52.61 -20.27 0.10
N GLU A 356 53.63 -21.08 0.41
CA GLU A 356 53.75 -22.37 -0.26
C GLU A 356 52.55 -23.26 0.07
N ALA A 357 52.12 -23.28 1.33
CA ALA A 357 51.03 -24.17 1.72
C ALA A 357 49.69 -23.69 1.20
N LEU A 358 49.55 -22.40 0.94
CA LEU A 358 48.30 -21.88 0.41
C LEU A 358 48.21 -22.05 -1.10
N ARG A 359 49.33 -21.85 -1.84
CA ARG A 359 49.35 -22.26 -3.25
C ARG A 359 49.07 -23.75 -3.36
N LYS A 360 49.68 -24.55 -2.48
CA LYS A 360 49.43 -25.99 -2.48
C LYS A 360 47.96 -26.30 -2.21
N ALA A 361 47.38 -25.61 -1.22
CA ALA A 361 45.98 -25.85 -0.86
C ALA A 361 45.06 -25.53 -2.01
N LEU A 362 45.26 -24.37 -2.63
CA LEU A 362 44.44 -23.98 -3.76
C LEU A 362 44.70 -24.87 -4.98
N ALA A 363 45.93 -25.37 -5.15
CA ALA A 363 46.20 -26.30 -6.23
C ALA A 363 45.38 -27.57 -6.05
N GLU A 364 45.49 -28.20 -4.87
CA GLU A 364 44.73 -29.43 -4.62
C GLU A 364 43.24 -29.20 -4.77
N LEU A 365 42.75 -28.06 -4.29
CA LEU A 365 41.33 -27.76 -4.38
C LEU A 365 40.89 -27.64 -5.83
N LEU A 366 41.55 -26.75 -6.58
CA LEU A 366 41.26 -26.48 -7.96
C LEU A 366 41.84 -27.52 -8.92
N GLY A 367 42.75 -28.39 -8.44
CA GLY A 367 43.31 -29.44 -9.25
C GLY A 367 44.49 -29.05 -10.12
N VAL A 368 44.82 -27.76 -10.19
CA VAL A 368 45.97 -27.28 -10.95
C VAL A 368 47.24 -27.43 -10.10
N LEU A 369 48.41 -27.17 -10.70
CA LEU A 369 49.66 -27.22 -9.96
C LEU A 369 49.88 -25.92 -9.19
N PRO A 370 50.68 -25.96 -8.11
CA PRO A 370 50.83 -24.79 -7.24
C PRO A 370 51.35 -23.52 -7.91
N GLU A 371 52.19 -23.61 -8.95
CA GLU A 371 52.63 -22.36 -9.59
C GLU A 371 51.63 -21.84 -10.60
N GLU A 372 50.62 -22.63 -10.97
CA GLU A 372 49.44 -22.05 -11.61
C GLU A 372 48.71 -21.12 -10.65
N VAL A 373 48.81 -21.38 -9.34
CA VAL A 373 48.18 -20.56 -8.31
C VAL A 373 49.09 -19.39 -7.96
N ARG A 374 48.66 -18.19 -8.33
CA ARG A 374 49.34 -16.96 -7.93
C ARG A 374 48.52 -16.36 -6.79
N LEU A 375 49.11 -16.33 -5.60
CA LEU A 375 48.44 -15.81 -4.41
C LEU A 375 48.30 -14.30 -4.48
N PRO A 376 47.09 -13.74 -4.39
CA PRO A 376 46.95 -12.28 -4.38
C PRO A 376 47.47 -11.69 -3.08
N ALA A 377 47.60 -10.36 -3.09
CA ALA A 377 48.05 -9.65 -1.89
C ALA A 377 46.96 -9.63 -0.82
N LYS A 378 45.72 -9.36 -1.21
CA LYS A 378 44.57 -9.53 -0.33
C LYS A 378 43.95 -10.90 -0.57
N LEU A 379 43.76 -11.66 0.51
CA LEU A 379 43.20 -13.02 0.45
C LEU A 379 41.78 -12.98 -0.11
N GLY A 380 41.58 -13.46 -1.34
CA GLY A 380 40.25 -13.53 -1.93
C GLY A 380 39.33 -14.53 -1.23
N LEU A 381 38.09 -14.67 -1.68
CA LEU A 381 37.13 -15.49 -0.96
C LEU A 381 37.62 -16.93 -0.82
N LEU A 382 37.96 -17.57 -1.93
CA LEU A 382 38.39 -18.94 -1.89
C LEU A 382 39.74 -19.08 -1.19
N ASP A 383 40.63 -18.10 -1.38
CA ASP A 383 41.92 -18.13 -0.71
C ASP A 383 41.78 -18.03 0.81
N LEU A 384 40.96 -17.08 1.26
CA LEU A 384 40.59 -16.94 2.67
C LEU A 384 40.10 -18.26 3.24
N LEU A 385 39.20 -18.91 2.50
CA LEU A 385 38.67 -20.18 2.97
C LEU A 385 39.77 -21.25 3.08
N ALA A 386 40.63 -21.37 2.05
CA ALA A 386 41.69 -22.38 2.10
C ALA A 386 42.72 -22.06 3.17
N PHE A 387 42.91 -20.79 3.48
CA PHE A 387 43.85 -20.42 4.55
C PHE A 387 43.28 -20.74 5.92
N LEU A 388 41.98 -20.55 6.09
CA LEU A 388 41.38 -20.96 7.35
C LEU A 388 41.45 -22.47 7.50
N ARG A 389 41.16 -23.22 6.43
CA ARG A 389 41.32 -24.67 6.52
C ARG A 389 42.77 -25.05 6.81
N LEU A 390 43.72 -24.35 6.17
CA LEU A 390 45.13 -24.55 6.50
C LEU A 390 45.34 -24.45 8.00
N LYS A 391 44.83 -23.40 8.60
CA LYS A 391 45.25 -22.94 9.92
C LYS A 391 44.57 -23.70 11.07
N GLY A 392 43.87 -24.79 10.76
CA GLY A 392 43.19 -25.56 11.77
C GLY A 392 41.73 -25.24 12.00
N ASP A 393 41.05 -24.54 11.07
CA ASP A 393 39.68 -24.09 11.26
C ASP A 393 38.71 -25.25 11.15
N GLU A 394 37.89 -25.42 12.20
CA GLU A 394 37.14 -26.65 12.40
C GLU A 394 35.95 -26.75 11.47
N ALA A 395 35.13 -25.70 11.39
CA ALA A 395 33.96 -25.77 10.50
C ALA A 395 34.39 -25.87 9.03
N LEU A 396 35.34 -25.02 8.60
CA LEU A 396 35.85 -25.11 7.23
C LEU A 396 36.61 -26.41 6.97
N GLY A 397 37.32 -26.93 7.97
CA GLY A 397 37.98 -28.21 7.80
C GLY A 397 37.01 -29.36 7.60
N ARG A 398 35.81 -29.25 8.16
CA ARG A 398 34.79 -30.29 8.06
C ARG A 398 34.09 -30.30 6.72
N LEU A 399 34.50 -29.42 5.81
CA LEU A 399 34.01 -29.40 4.44
C LEU A 399 34.80 -30.42 3.61
N SER A 400 34.09 -31.29 2.91
CA SER A 400 34.76 -32.25 2.04
C SER A 400 35.41 -31.55 0.84
N LEU A 401 36.53 -32.12 0.37
CA LEU A 401 37.19 -31.56 -0.80
C LEU A 401 36.25 -31.49 -1.99
N ALA A 402 35.32 -32.44 -2.14
CA ALA A 402 34.37 -32.37 -3.25
C ALA A 402 33.37 -31.24 -3.06
N GLU A 403 32.98 -30.96 -1.81
CA GLU A 403 32.15 -29.80 -1.51
C GLU A 403 32.89 -28.51 -1.84
N LEU A 404 34.18 -28.43 -1.50
CA LEU A 404 34.98 -27.25 -1.84
C LEU A 404 35.17 -27.11 -3.33
N ARG A 405 35.32 -28.25 -4.03
CA ARG A 405 35.34 -28.29 -5.48
C ARG A 405 34.07 -27.67 -6.07
N GLY A 406 32.90 -28.16 -5.65
CA GLY A 406 31.64 -27.62 -6.13
C GLY A 406 31.37 -26.19 -5.71
N LEU A 407 32.02 -25.75 -4.63
CA LEU A 407 31.87 -24.38 -4.16
C LEU A 407 32.79 -23.42 -4.90
N ALA A 408 33.96 -23.88 -5.34
CA ALA A 408 35.00 -22.98 -5.86
C ALA A 408 34.58 -22.27 -7.15
N GLY A 409 33.79 -22.93 -8.00
CA GLY A 409 33.18 -22.21 -9.11
C GLY A 409 32.27 -21.10 -8.63
N ALA A 410 31.45 -21.39 -7.61
CA ALA A 410 30.57 -20.37 -7.06
C ALA A 410 31.36 -19.18 -6.52
N LEU A 411 32.39 -19.43 -5.68
CA LEU A 411 33.25 -18.33 -5.23
C LEU A 411 34.08 -17.71 -6.35
N LYS A 412 34.16 -18.35 -7.52
CA LYS A 412 34.61 -17.70 -8.74
C LYS A 412 33.53 -16.78 -9.31
N GLY A 413 32.26 -17.04 -8.98
CA GLY A 413 31.17 -16.21 -9.48
C GLY A 413 31.34 -14.71 -9.26
N ARG A 414 31.96 -14.30 -8.13
CA ARG A 414 32.31 -12.90 -7.88
C ARG A 414 33.08 -12.30 -9.05
N ASN A 415 33.07 -10.96 -9.14
CA ASN A 415 33.24 -10.27 -10.42
C ASN A 415 32.18 -10.86 -11.34
N SER A 416 32.33 -10.78 -12.66
CA SER A 416 31.28 -11.27 -13.56
C SER A 416 29.98 -10.58 -13.14
N ALA A 417 28.86 -11.30 -12.95
CA ALA A 417 27.86 -10.90 -11.95
C ALA A 417 27.35 -9.48 -12.14
N LEU A 418 26.33 -9.31 -12.97
CA LEU A 418 25.92 -8.04 -13.56
C LEU A 418 26.27 -6.80 -12.73
N LEU A 419 25.92 -6.79 -11.47
CA LEU A 419 26.18 -5.58 -10.69
C LEU A 419 27.64 -5.42 -10.23
N VAL A 420 28.59 -6.25 -10.71
CA VAL A 420 29.97 -6.03 -10.28
C VAL A 420 30.83 -5.58 -11.46
N HIS A 421 31.20 -6.53 -12.35
CA HIS A 421 32.17 -6.25 -13.41
C HIS A 421 31.84 -6.95 -14.73
N GLY A 422 30.71 -7.65 -14.81
CA GLY A 422 30.37 -8.48 -15.95
C GLY A 422 28.88 -8.48 -16.20
N PHE A 423 28.35 -9.54 -16.83
CA PHE A 423 26.92 -9.66 -17.15
C PHE A 423 26.46 -11.06 -16.78
N ASP A 424 26.18 -11.30 -15.50
CA ASP A 424 25.72 -12.63 -15.08
C ASP A 424 24.71 -12.51 -13.96
N VAL A 425 23.56 -13.15 -14.15
CA VAL A 425 22.71 -13.43 -13.01
C VAL A 425 23.17 -14.78 -12.46
N PRO A 426 23.99 -14.81 -11.40
CA PRO A 426 24.61 -16.07 -10.99
C PRO A 426 23.56 -17.07 -10.54
N SER A 427 23.89 -18.36 -10.72
CA SER A 427 22.86 -19.38 -10.66
C SER A 427 22.24 -19.45 -9.26
N PRO A 428 20.93 -19.72 -9.16
CA PRO A 428 20.33 -19.86 -7.83
C PRO A 428 21.01 -20.93 -6.99
N LYS A 429 21.50 -22.03 -7.59
CA LYS A 429 22.31 -23.00 -6.85
C LYS A 429 23.73 -22.48 -6.58
N ALA A 430 24.25 -21.64 -7.47
CA ALA A 430 25.51 -20.96 -7.19
C ALA A 430 25.38 -20.10 -5.95
N VAL A 431 24.31 -19.30 -5.88
CA VAL A 431 24.05 -18.50 -4.68
C VAL A 431 23.81 -19.42 -3.49
N GLU A 432 23.15 -20.56 -3.72
CA GLU A 432 22.77 -21.46 -2.65
C GLU A 432 23.98 -21.97 -1.89
N GLY A 433 25.02 -22.39 -2.62
CA GLY A 433 26.20 -22.91 -1.93
C GLY A 433 26.82 -21.88 -1.01
N ILE A 434 26.99 -20.66 -1.53
CA ILE A 434 27.51 -19.54 -0.74
C ILE A 434 26.64 -19.33 0.48
N ALA A 435 25.33 -19.27 0.29
CA ALA A 435 24.42 -18.90 1.37
C ALA A 435 24.39 -19.97 2.46
N ARG A 436 24.48 -21.24 2.10
CA ARG A 436 24.44 -22.29 3.11
C ARG A 436 25.77 -22.36 3.87
N LEU A 437 26.89 -22.21 3.16
CA LEU A 437 28.17 -22.09 3.85
C LEU A 437 28.14 -20.94 4.85
N ALA A 438 27.66 -19.79 4.40
CA ALA A 438 27.55 -18.64 5.27
C ALA A 438 26.59 -18.91 6.42
N GLN A 439 25.51 -19.66 6.20
CA GLN A 439 24.59 -19.96 7.29
C GLN A 439 25.27 -20.78 8.38
N GLY A 440 26.09 -21.76 7.97
CA GLY A 440 26.85 -22.53 8.96
C GLY A 440 27.81 -21.67 9.76
N LEU A 441 28.60 -20.84 9.06
CA LEU A 441 29.55 -19.98 9.77
C LEU A 441 28.83 -18.95 10.62
N LEU A 442 27.66 -18.50 10.16
CA LEU A 442 26.83 -17.56 10.92
C LEU A 442 26.34 -18.17 12.22
N GLN A 443 25.87 -19.41 12.17
CA GLN A 443 25.40 -20.03 13.41
C GLN A 443 26.55 -20.26 14.38
N ASP A 444 27.69 -20.75 13.87
CA ASP A 444 28.88 -20.86 14.70
C ASP A 444 29.24 -19.53 15.36
N LEU A 445 29.27 -18.44 14.59
CA LEU A 445 29.56 -17.13 15.17
C LEU A 445 28.48 -16.71 16.17
N GLU A 446 27.22 -17.08 15.93
CA GLU A 446 26.15 -16.72 16.85
C GLU A 446 26.36 -17.36 18.22
N ALA A 447 26.87 -18.60 18.24
CA ALA A 447 27.20 -19.23 19.52
C ALA A 447 28.18 -18.38 20.34
N ARG A 448 29.20 -17.82 19.69
CA ARG A 448 30.30 -17.14 20.36
C ARG A 448 29.97 -15.71 20.76
N THR A 449 28.72 -15.29 20.58
CA THR A 449 28.25 -13.98 21.03
C THR A 449 27.25 -14.18 22.15
N ALA A 450 27.31 -13.29 23.14
CA ALA A 450 26.41 -13.42 24.27
C ALA A 450 24.96 -13.16 23.87
N LEU A 451 24.74 -12.54 22.72
CA LEU A 451 23.39 -12.22 22.28
C LEU A 451 22.57 -13.47 21.96
N GLY A 452 23.22 -14.57 21.56
CA GLY A 452 22.56 -15.86 21.47
C GLY A 452 21.71 -16.12 20.24
N GLU A 457 14.18 -11.18 11.13
CA GLU A 457 12.74 -10.98 11.23
C GLU A 457 12.42 -9.56 11.69
N PRO A 458 11.62 -8.85 10.91
CA PRO A 458 10.89 -7.70 11.45
C PRO A 458 9.78 -8.18 12.38
N VAL A 459 9.48 -7.37 13.39
CA VAL A 459 8.51 -7.74 14.43
C VAL A 459 7.08 -7.55 13.90
N PRO A 460 6.12 -8.31 14.42
CA PRO A 460 4.74 -8.17 13.94
C PRO A 460 4.20 -6.78 14.22
N LEU A 461 3.35 -6.29 13.32
CA LEU A 461 2.80 -4.95 13.51
C LEU A 461 1.74 -4.91 14.61
N GLY A 462 1.23 -6.05 15.04
CA GLY A 462 0.19 -6.04 16.04
C GLY A 462 -1.20 -5.81 15.50
N PHE A 463 -1.37 -5.76 14.19
CA PHE A 463 -2.69 -5.80 13.58
C PHE A 463 -2.60 -6.55 12.25
N ASP B 2 -56.04 -9.57 6.30
CA ASP B 2 -55.98 -9.95 7.70
C ASP B 2 -55.32 -8.84 8.53
N LEU B 3 -54.01 -8.68 8.33
CA LEU B 3 -53.29 -7.51 8.82
C LEU B 3 -53.58 -6.30 7.92
N ASP B 4 -53.72 -6.54 6.61
CA ASP B 4 -54.06 -5.46 5.69
C ASP B 4 -55.40 -4.83 6.06
N ALA B 5 -56.37 -5.64 6.48
CA ALA B 5 -57.60 -5.10 7.04
C ALA B 5 -57.30 -4.32 8.32
N LEU B 6 -56.46 -4.89 9.19
CA LEU B 6 -56.12 -4.18 10.43
C LEU B 6 -55.39 -2.88 10.13
N TRP B 7 -54.55 -2.87 9.09
CA TRP B 7 -53.87 -1.64 8.70
C TRP B 7 -54.85 -0.60 8.18
N GLU B 8 -55.81 -1.01 7.34
CA GLU B 8 -56.83 -0.10 6.82
C GLU B 8 -57.66 0.48 7.96
N ARG B 9 -58.04 -0.35 8.92
CA ARG B 9 -58.76 0.15 10.10
C ARG B 9 -57.87 0.99 10.99
N TYR B 10 -56.55 0.78 10.97
CA TYR B 10 -55.65 1.67 11.72
C TYR B 10 -55.53 3.04 11.05
N ARG B 11 -55.46 3.06 9.73
CA ARG B 11 -55.45 4.33 9.03
C ARG B 11 -56.73 5.09 9.34
N GLU B 12 -57.88 4.41 9.20
CA GLU B 12 -59.16 5.02 9.58
C GLU B 12 -59.11 5.55 11.02
N ALA B 13 -58.51 4.78 11.92
CA ALA B 13 -58.40 5.21 13.32
C ALA B 13 -57.54 6.47 13.48
N VAL B 14 -56.42 6.56 12.76
CA VAL B 14 -55.60 7.77 12.86
C VAL B 14 -56.33 8.96 12.25
N ARG B 15 -57.02 8.75 11.11
CA ARG B 15 -57.83 9.80 10.49
C ARG B 15 -58.97 10.25 11.39
N ALA B 16 -59.33 9.44 12.40
CA ALA B 16 -60.26 9.84 13.44
C ALA B 16 -59.58 10.56 14.59
N GLY B 17 -58.36 11.06 14.38
CA GLY B 17 -57.65 11.81 15.41
C GLY B 17 -56.90 10.97 16.41
N GLY B 18 -56.85 9.65 16.22
CA GLY B 18 -56.07 8.81 17.10
C GLY B 18 -54.59 9.08 16.98
N ASN B 19 -53.92 9.28 18.12
CA ASN B 19 -52.48 9.53 18.18
C ASN B 19 -51.74 8.35 17.57
N PRO B 20 -50.89 8.54 16.54
CA PRO B 20 -50.47 7.39 15.72
C PRO B 20 -49.39 6.51 16.32
N GLN B 21 -48.44 7.06 17.10
CA GLN B 21 -47.45 6.24 17.80
C GLN B 21 -48.14 5.20 18.70
N ALA B 22 -48.85 5.70 19.72
CA ALA B 22 -49.48 4.81 20.69
C ALA B 22 -50.60 3.97 20.07
N LEU B 23 -51.41 4.58 19.20
CA LEU B 23 -52.44 3.82 18.50
C LEU B 23 -51.82 2.65 17.76
N TYR B 24 -50.74 2.90 17.02
CA TYR B 24 -50.05 1.83 16.30
C TYR B 24 -49.59 0.76 17.26
N GLN B 25 -49.02 1.17 18.39
CA GLN B 25 -48.49 0.18 19.31
C GLN B 25 -49.61 -0.70 19.88
N GLU B 26 -50.78 -0.10 20.14
CA GLU B 26 -51.90 -0.87 20.71
C GLU B 26 -52.61 -1.73 19.68
N MET B 27 -52.81 -1.20 18.46
CA MET B 27 -53.67 -1.81 17.45
C MET B 27 -52.91 -2.74 16.50
N VAL B 28 -51.98 -2.18 15.74
CA VAL B 28 -51.32 -2.96 14.70
C VAL B 28 -50.21 -3.81 15.30
N TRP B 29 -49.38 -3.19 16.13
CA TRP B 29 -48.12 -3.82 16.49
C TRP B 29 -48.31 -5.22 17.08
N PRO B 30 -49.28 -5.50 17.97
CA PRO B 30 -49.40 -6.89 18.43
C PRO B 30 -49.59 -7.87 17.29
N ALA B 31 -50.34 -7.50 16.24
CA ALA B 31 -50.58 -8.44 15.15
C ALA B 31 -49.32 -8.65 14.34
N LEU B 32 -48.63 -7.56 13.99
CA LEU B 32 -47.41 -7.67 13.19
C LEU B 32 -46.32 -8.39 13.95
N LEU B 33 -46.18 -8.06 15.23
CA LEU B 33 -45.21 -8.72 16.07
C LEU B 33 -45.53 -10.21 16.15
N ALA B 34 -46.84 -10.54 16.22
CA ALA B 34 -47.26 -11.94 16.23
C ALA B 34 -46.83 -12.66 14.95
N LEU B 35 -47.15 -12.07 13.80
CA LEU B 35 -46.80 -12.74 12.56
C LEU B 35 -45.31 -12.97 12.48
N TRP B 36 -44.51 -12.00 12.95
CA TRP B 36 -43.06 -12.15 12.84
C TRP B 36 -42.52 -13.18 13.83
N ARG B 37 -43.03 -13.21 15.07
CA ARG B 37 -42.67 -14.28 15.99
C ARG B 37 -43.00 -15.65 15.39
N GLU B 38 -44.01 -15.71 14.51
CA GLU B 38 -44.35 -16.97 13.82
C GLU B 38 -43.45 -17.24 12.61
N LYS B 39 -43.54 -16.37 11.60
CA LYS B 39 -42.84 -16.52 10.32
C LYS B 39 -42.13 -15.20 10.01
N PRO B 40 -40.89 -15.00 10.54
CA PRO B 40 -40.08 -13.84 10.13
C PRO B 40 -39.94 -13.75 8.61
N ARG B 41 -40.30 -12.59 8.05
CA ARG B 41 -40.17 -12.34 6.61
C ARG B 41 -38.74 -11.95 6.30
N VAL B 42 -37.93 -12.92 5.89
CA VAL B 42 -36.55 -12.68 5.45
C VAL B 42 -36.47 -12.96 3.96
N TYR B 43 -36.16 -11.92 3.17
CA TYR B 43 -36.40 -11.93 1.74
C TYR B 43 -35.61 -13.04 1.05
N PRO B 44 -34.27 -12.96 0.95
CA PRO B 44 -33.62 -14.03 0.17
C PRO B 44 -33.50 -15.31 1.00
N PHE B 45 -34.67 -15.85 1.41
CA PHE B 45 -34.93 -16.87 2.44
C PHE B 45 -34.23 -16.57 3.77
N PRO B 46 -34.67 -17.17 4.87
CA PRO B 46 -33.96 -16.97 6.15
C PRO B 46 -32.53 -17.48 6.14
N GLN B 47 -31.70 -16.86 6.98
CA GLN B 47 -30.28 -17.17 7.11
C GLN B 47 -29.95 -17.37 8.57
N ALA B 48 -28.98 -18.23 8.83
CA ALA B 48 -28.65 -18.63 10.20
C ALA B 48 -27.58 -17.68 10.75
N PHE B 49 -27.96 -16.86 11.72
CA PHE B 49 -27.05 -15.87 12.28
C PHE B 49 -26.74 -16.19 13.73
N ALA B 50 -25.47 -16.05 14.10
CA ALA B 50 -25.03 -16.22 15.49
C ALA B 50 -25.24 -14.95 16.27
N VAL B 51 -24.82 -13.83 15.68
CA VAL B 51 -24.86 -12.51 16.29
C VAL B 51 -25.55 -11.59 15.30
N SER B 52 -26.46 -10.76 15.81
CA SER B 52 -26.96 -9.65 15.03
C SER B 52 -26.67 -8.38 15.80
N VAL B 53 -26.41 -7.31 15.05
CA VAL B 53 -26.11 -6.00 15.61
C VAL B 53 -27.09 -5.03 14.97
N HIS B 54 -27.80 -4.27 15.79
CA HIS B 54 -28.85 -3.41 15.24
C HIS B 54 -28.66 -2.01 15.74
N THR B 55 -28.74 -1.04 14.84
CA THR B 55 -28.97 0.31 15.31
C THR B 55 -30.38 0.39 15.93
N LEU B 56 -30.53 1.28 16.91
CA LEU B 56 -31.83 1.53 17.49
C LEU B 56 -32.13 3.02 17.44
N GLY B 57 -33.27 3.35 16.87
CA GLY B 57 -33.72 4.72 16.88
C GLY B 57 -35.05 4.77 17.60
N THR B 58 -35.88 5.75 17.31
CA THR B 58 -37.12 5.87 18.04
C THR B 58 -38.26 5.08 17.39
N SER B 59 -37.96 4.20 16.44
CA SER B 59 -38.95 3.23 15.98
C SER B 59 -38.51 1.83 16.40
N PRO B 60 -38.61 1.50 17.68
CA PRO B 60 -38.10 0.20 18.14
C PRO B 60 -38.83 -0.97 17.52
N GLU B 61 -40.04 -0.77 17.01
CA GLU B 61 -40.76 -1.85 16.34
C GLU B 61 -39.94 -2.38 15.16
N ALA B 62 -39.35 -1.48 14.39
CA ALA B 62 -38.41 -1.85 13.32
C ALA B 62 -37.27 -2.73 13.85
N THR B 63 -36.58 -2.26 14.89
CA THR B 63 -35.48 -3.05 15.41
C THR B 63 -35.98 -4.39 15.89
N ALA B 64 -37.18 -4.43 16.47
CA ALA B 64 -37.79 -5.69 16.87
C ALA B 64 -37.90 -6.63 15.69
N LEU B 65 -38.41 -6.12 14.55
CA LEU B 65 -38.56 -6.92 13.35
C LEU B 65 -37.23 -7.49 12.89
N ALA B 66 -36.21 -6.64 12.84
CA ALA B 66 -34.88 -7.09 12.46
C ALA B 66 -34.34 -8.15 13.42
N ILE B 67 -34.53 -7.96 14.72
CA ILE B 67 -33.97 -8.91 15.70
C ILE B 67 -34.60 -10.28 15.53
N LEU B 68 -35.93 -10.32 15.42
CA LEU B 68 -36.59 -11.60 15.15
C LEU B 68 -36.15 -12.17 13.81
N GLY B 69 -36.08 -11.32 12.78
CA GLY B 69 -35.79 -11.80 11.44
C GLY B 69 -34.42 -12.44 11.31
N ALA B 70 -33.39 -11.79 11.83
CA ALA B 70 -32.07 -12.41 11.70
C ALA B 70 -31.98 -13.63 12.59
N GLY B 71 -32.79 -13.67 13.64
CA GLY B 71 -32.84 -14.82 14.54
C GLY B 71 -31.52 -15.15 15.20
N ALA B 72 -30.73 -14.14 15.57
CA ALA B 72 -29.42 -14.44 16.10
C ALA B 72 -29.51 -14.83 17.56
N GLU B 73 -28.46 -15.47 18.05
CA GLU B 73 -28.40 -15.84 19.46
C GLU B 73 -28.01 -14.63 20.33
N ARG B 74 -26.84 -14.05 20.08
CA ARG B 74 -26.37 -12.89 20.83
C ARG B 74 -26.74 -11.66 20.02
N VAL B 75 -27.45 -10.72 20.63
CA VAL B 75 -27.96 -9.54 19.94
C VAL B 75 -27.42 -8.28 20.60
N TYR B 76 -26.74 -7.45 19.81
CA TYR B 76 -26.27 -6.16 20.26
C TYR B 76 -27.17 -5.07 19.71
N VAL B 77 -27.33 -3.99 20.47
CA VAL B 77 -28.19 -2.88 20.06
C VAL B 77 -27.39 -1.58 20.19
N LEU B 78 -26.84 -1.11 19.09
CA LEU B 78 -26.23 0.22 19.03
C LEU B 78 -27.35 1.23 19.08
N HIS B 79 -27.58 1.82 20.24
CA HIS B 79 -28.67 2.78 20.43
C HIS B 79 -28.09 4.12 20.85
N THR B 80 -28.88 5.16 20.76
CA THR B 80 -28.40 6.47 21.18
C THR B 80 -28.92 6.77 22.57
N PRO B 81 -28.38 7.81 23.21
CA PRO B 81 -29.01 8.29 24.46
C PRO B 81 -30.49 8.55 24.28
N GLU B 82 -30.87 9.08 23.12
CA GLU B 82 -32.26 9.37 22.83
C GLU B 82 -33.10 8.09 22.67
N SER B 83 -32.51 7.02 22.15
CA SER B 83 -33.28 5.81 21.90
C SER B 83 -33.08 4.77 22.98
N ALA B 84 -32.24 5.06 23.97
CA ALA B 84 -32.06 4.14 25.09
C ALA B 84 -33.39 3.76 25.73
N ARG B 85 -34.29 4.74 25.93
CA ARG B 85 -35.54 4.47 26.62
C ARG B 85 -36.33 3.33 25.99
N PHE B 86 -36.06 2.98 24.71
CA PHE B 86 -36.85 1.96 24.03
C PHE B 86 -36.23 0.56 24.13
N LEU B 87 -35.08 0.41 24.79
CA LEU B 87 -34.52 -0.92 24.97
C LEU B 87 -35.47 -1.84 25.73
N PRO B 88 -36.05 -1.43 26.87
CA PRO B 88 -36.89 -2.38 27.63
C PRO B 88 -38.01 -2.96 26.80
N ARG B 89 -38.79 -2.10 26.14
CA ARG B 89 -39.87 -2.59 25.29
C ARG B 89 -39.33 -3.48 24.18
N LEU B 90 -38.24 -3.06 23.53
CA LEU B 90 -37.55 -3.91 22.57
C LEU B 90 -37.26 -5.27 23.17
N ARG B 91 -36.64 -5.29 24.36
CA ARG B 91 -36.27 -6.57 24.98
C ARG B 91 -37.51 -7.40 25.24
N GLN B 92 -38.61 -6.74 25.64
CA GLN B 92 -39.84 -7.45 25.94
C GLN B 92 -40.52 -7.96 24.67
N ASP B 93 -40.32 -7.25 23.54
CA ASP B 93 -40.93 -7.70 22.29
C ASP B 93 -40.16 -8.88 21.71
N THR B 94 -38.85 -8.74 21.56
CA THR B 94 -38.05 -9.75 20.90
C THR B 94 -37.83 -10.96 21.79
N GLY B 95 -38.11 -10.84 23.08
CA GLY B 95 -37.79 -11.92 24.00
C GLY B 95 -36.33 -12.31 23.97
N LYS B 96 -35.44 -11.36 23.68
CA LYS B 96 -34.01 -11.61 23.55
C LYS B 96 -33.28 -10.73 24.54
N ASP B 97 -32.20 -11.25 25.13
CA ASP B 97 -31.33 -10.41 25.96
C ASP B 97 -30.44 -9.55 25.05
N LEU B 98 -30.59 -8.23 25.13
CA LEU B 98 -29.91 -7.30 24.25
C LEU B 98 -28.73 -6.65 24.96
N TYR B 99 -27.55 -6.83 24.42
CA TYR B 99 -26.42 -6.06 24.94
C TYR B 99 -26.47 -4.66 24.35
N PRO B 100 -26.71 -3.63 25.15
CA PRO B 100 -26.79 -2.28 24.59
C PRO B 100 -25.42 -1.63 24.51
N VAL B 101 -25.27 -0.76 23.52
CA VAL B 101 -24.11 0.10 23.44
C VAL B 101 -24.57 1.49 23.09
N GLU B 102 -24.16 2.49 23.88
CA GLU B 102 -24.58 3.85 23.63
C GLU B 102 -23.58 4.52 22.69
N ILE B 103 -24.14 5.18 21.66
CA ILE B 103 -23.39 5.85 20.60
C ILE B 103 -24.14 7.15 20.30
N GLY B 104 -23.43 8.10 19.71
CA GLY B 104 -24.07 9.33 19.27
C GLY B 104 -24.99 9.08 18.09
N LYS B 105 -25.99 9.95 17.93
CA LYS B 105 -26.95 9.81 16.82
C LYS B 105 -26.31 10.12 15.47
N SER B 106 -25.13 10.73 15.45
CA SER B 106 -24.44 11.00 14.20
C SER B 106 -22.99 10.56 14.29
N ASP B 107 -22.64 9.80 15.31
CA ASP B 107 -21.25 9.43 15.51
C ASP B 107 -20.93 8.24 14.61
N VAL B 108 -20.98 8.52 13.29
CA VAL B 108 -20.63 7.51 12.29
C VAL B 108 -19.39 6.76 12.74
N GLU B 109 -18.41 7.52 13.24
CA GLU B 109 -17.12 6.93 13.57
C GLU B 109 -17.22 5.93 14.70
N ALA B 110 -17.91 6.27 15.80
CA ALA B 110 -17.99 5.36 16.94
C ALA B 110 -18.87 4.15 16.67
N ILE B 111 -19.94 4.34 15.88
CA ILE B 111 -20.70 3.22 15.31
C ILE B 111 -19.75 2.23 14.65
N TYR B 112 -18.96 2.75 13.73
CA TYR B 112 -18.12 1.91 12.89
C TYR B 112 -17.08 1.18 13.73
N ARG B 113 -16.50 1.87 14.72
CA ARG B 113 -15.54 1.22 15.61
C ARG B 113 -16.23 0.12 16.41
N GLU B 114 -17.47 0.37 16.80
CA GLU B 114 -18.21 -0.67 17.52
C GLU B 114 -18.41 -1.89 16.66
N VAL B 115 -18.72 -1.69 15.39
CA VAL B 115 -18.85 -2.83 14.50
C VAL B 115 -17.54 -3.58 14.39
N LYS B 116 -16.42 -2.86 14.22
CA LYS B 116 -15.15 -3.58 14.14
C LYS B 116 -14.89 -4.35 15.43
N ARG B 117 -15.25 -3.77 16.59
CA ARG B 117 -15.10 -4.46 17.87
C ARG B 117 -15.92 -5.74 17.91
N LEU B 118 -17.21 -5.65 17.56
CA LEU B 118 -18.07 -6.82 17.66
C LEU B 118 -17.63 -7.88 16.67
N LEU B 119 -17.26 -7.45 15.46
CA LEU B 119 -16.80 -8.42 14.47
C LEU B 119 -15.59 -9.19 14.98
N GLU B 120 -14.57 -8.48 15.49
CA GLU B 120 -13.45 -9.19 16.09
C GLU B 120 -13.84 -10.00 17.32
N LYS B 121 -14.89 -9.62 18.05
CA LYS B 121 -15.39 -10.50 19.11
C LYS B 121 -15.97 -11.79 18.54
N HIS B 122 -16.48 -11.76 17.30
CA HIS B 122 -17.16 -12.91 16.70
C HIS B 122 -16.66 -13.19 15.29
N PRO B 123 -15.38 -13.52 15.12
CA PRO B 123 -14.78 -13.45 13.77
C PRO B 123 -15.31 -14.48 12.78
N GLU B 124 -15.48 -15.74 13.19
CA GLU B 124 -15.73 -16.83 12.24
C GLU B 124 -17.21 -17.14 12.04
N VAL B 125 -18.10 -16.44 12.75
CA VAL B 125 -19.51 -16.79 12.81
C VAL B 125 -20.31 -15.80 11.96
N PRO B 126 -21.46 -16.21 11.40
CA PRO B 126 -22.25 -15.28 10.57
C PRO B 126 -22.88 -14.21 11.43
N VAL B 127 -22.89 -12.98 10.90
CA VAL B 127 -23.30 -11.81 11.66
C VAL B 127 -24.20 -10.98 10.77
N ALA B 128 -25.34 -10.58 11.32
CA ALA B 128 -26.25 -9.66 10.64
C ALA B 128 -26.06 -8.27 11.25
N LEU B 129 -25.63 -7.33 10.42
CA LEU B 129 -25.53 -5.94 10.83
C LEU B 129 -26.79 -5.28 10.31
N ASP B 130 -27.78 -5.11 11.18
CA ASP B 130 -29.05 -4.51 10.80
C ASP B 130 -28.96 -3.00 10.95
N LEU B 131 -29.18 -2.26 9.86
CA LEU B 131 -29.14 -0.80 9.92
C LEU B 131 -30.53 -0.15 9.82
N THR B 132 -31.60 -0.88 10.12
CA THR B 132 -32.95 -0.37 9.87
C THR B 132 -33.30 0.89 10.66
N SER B 133 -33.38 0.77 11.98
CA SER B 133 -33.78 1.88 12.82
C SER B 133 -32.58 2.76 13.13
N GLY B 134 -32.84 4.04 13.39
CA GLY B 134 -31.80 4.97 13.75
C GLY B 134 -31.55 5.96 12.64
N THR B 135 -30.71 6.95 12.92
CA THR B 135 -30.53 8.03 11.96
C THR B 135 -29.79 7.53 10.72
N LYS B 136 -29.87 8.32 9.63
CA LYS B 136 -29.07 8.02 8.45
C LYS B 136 -27.58 7.92 8.81
N ALA B 137 -27.06 8.82 9.66
CA ALA B 137 -25.65 8.73 10.07
C ALA B 137 -25.35 7.41 10.78
N MET B 138 -26.27 6.97 11.65
CA MET B 138 -26.09 5.69 12.32
C MET B 138 -26.02 4.54 11.33
N SER B 139 -26.95 4.56 10.36
CA SER B 139 -26.91 3.54 9.31
C SER B 139 -25.67 3.68 8.46
N ALA B 140 -25.17 4.90 8.25
CA ALA B 140 -23.94 5.09 7.49
C ALA B 140 -22.77 4.41 8.19
N GLY B 141 -22.66 4.61 9.48
CA GLY B 141 -21.62 3.91 10.20
C GLY B 141 -21.75 2.42 10.02
N LEU B 142 -22.93 1.90 10.34
CA LEU B 142 -23.09 0.46 10.33
C LEU B 142 -22.83 -0.12 8.94
N ALA B 143 -23.30 0.57 7.90
CA ALA B 143 -23.21 0.08 6.54
C ALA B 143 -21.79 0.21 6.00
N ALA B 144 -21.10 1.31 6.32
CA ALA B 144 -19.71 1.42 5.95
C ALA B 144 -18.93 0.26 6.51
N ALA B 145 -19.14 -0.03 7.79
CA ALA B 145 -18.44 -1.13 8.41
C ALA B 145 -18.87 -2.48 7.84
N GLY B 146 -20.16 -2.65 7.54
CA GLY B 146 -20.61 -3.92 7.00
C GLY B 146 -20.11 -4.18 5.60
N PHE B 147 -20.23 -3.19 4.72
CA PHE B 147 -19.74 -3.35 3.36
C PHE B 147 -18.21 -3.42 3.32
N PHE B 148 -17.51 -2.79 4.26
CA PHE B 148 -16.07 -2.88 4.21
C PHE B 148 -15.53 -4.18 4.82
N PHE B 149 -16.23 -4.77 5.81
CA PHE B 149 -15.60 -5.82 6.60
C PHE B 149 -15.88 -7.24 6.12
N GLN B 150 -16.74 -7.45 5.13
CA GLN B 150 -16.88 -8.81 4.63
C GLN B 150 -15.70 -9.21 3.75
N ARG B 151 -14.91 -8.24 3.27
CA ARG B 151 -13.61 -8.63 2.74
C ARG B 151 -12.88 -9.53 3.75
N PHE B 152 -12.99 -9.18 5.04
CA PHE B 152 -12.27 -9.85 6.11
C PHE B 152 -13.13 -10.80 6.93
N TYR B 153 -14.46 -10.68 6.85
CA TYR B 153 -15.38 -11.50 7.61
C TYR B 153 -16.51 -11.92 6.69
N PRO B 154 -16.23 -12.81 5.75
CA PRO B 154 -17.23 -13.11 4.71
C PRO B 154 -18.57 -13.56 5.25
N LYS B 155 -18.63 -13.93 6.53
CA LYS B 155 -19.90 -14.37 7.09
C LYS B 155 -20.74 -13.21 7.61
N VAL B 156 -20.28 -11.97 7.45
CA VAL B 156 -20.96 -10.79 7.98
C VAL B 156 -21.86 -10.23 6.90
N ARG B 157 -23.16 -10.11 7.20
CA ARG B 157 -24.13 -9.66 6.20
C ARG B 157 -24.86 -8.43 6.72
N VAL B 158 -24.86 -7.35 5.92
CA VAL B 158 -25.65 -6.16 6.22
C VAL B 158 -27.10 -6.44 5.90
N VAL B 159 -27.98 -6.14 6.83
CA VAL B 159 -29.39 -6.41 6.62
C VAL B 159 -30.20 -5.13 6.89
N ALA B 160 -31.41 -5.11 6.34
CA ALA B 160 -32.29 -3.98 6.57
C ALA B 160 -33.70 -4.54 6.56
N VAL B 161 -34.65 -3.75 7.05
CA VAL B 161 -36.05 -4.11 6.95
C VAL B 161 -36.60 -3.26 5.83
N ASP B 162 -36.71 -3.87 4.66
CA ASP B 162 -37.35 -3.28 3.52
C ASP B 162 -38.86 -3.38 3.69
N ASN B 163 -39.57 -2.56 2.94
CA ASN B 163 -41.01 -2.71 2.86
C ASN B 163 -41.40 -2.60 1.40
N GLU B 164 -42.51 -3.24 1.03
CA GLU B 164 -42.99 -3.16 -0.33
C GLU B 164 -44.13 -2.16 -0.46
N ASP B 165 -44.40 -1.38 0.58
CA ASP B 165 -45.42 -0.35 0.57
C ASP B 165 -45.21 0.62 1.73
N TYR B 166 -44.96 1.90 1.47
CA TYR B 166 -44.62 2.85 2.52
C TYR B 166 -45.59 4.03 2.53
N ASP B 167 -46.19 4.27 3.68
CA ASP B 167 -47.18 5.31 3.85
C ASP B 167 -46.45 6.65 4.04
N PRO B 168 -46.52 7.58 3.09
CA PRO B 168 -45.86 8.89 3.30
C PRO B 168 -46.55 9.83 4.27
N GLU B 169 -47.84 9.63 4.60
CA GLU B 169 -48.46 10.48 5.61
C GLU B 169 -48.15 10.00 7.02
N LEU B 170 -48.21 8.69 7.24
CA LEU B 170 -47.85 8.11 8.53
C LEU B 170 -46.35 7.92 8.70
N ARG B 171 -45.58 7.97 7.60
CA ARG B 171 -44.13 7.75 7.64
C ARG B 171 -43.77 6.42 8.31
N ARG B 172 -44.54 5.38 8.00
CA ARG B 172 -44.40 3.99 8.41
C ARG B 172 -44.53 3.11 7.18
N PRO B 173 -43.89 1.95 7.17
CA PRO B 173 -44.31 0.91 6.24
C PRO B 173 -45.69 0.41 6.61
N ARG B 174 -46.41 -0.08 5.60
CA ARG B 174 -47.69 -0.71 5.85
C ARG B 174 -47.45 -2.04 6.54
N ALA B 175 -48.08 -2.22 7.69
CA ALA B 175 -47.87 -3.45 8.46
C ALA B 175 -48.11 -4.66 7.57
N GLY B 176 -47.26 -5.66 7.73
CA GLY B 176 -47.35 -6.86 6.94
C GLY B 176 -46.55 -6.82 5.68
N THR B 177 -46.15 -5.63 5.22
CA THR B 177 -45.34 -5.50 4.02
C THR B 177 -43.86 -5.36 4.34
N GLU B 178 -43.47 -5.42 5.60
CA GLU B 178 -42.06 -5.38 5.95
C GLU B 178 -41.47 -6.77 5.76
N LYS B 179 -40.28 -6.82 5.16
CA LYS B 179 -39.45 -8.01 5.12
C LYS B 179 -38.03 -7.60 5.47
N LEU B 180 -37.23 -8.56 5.95
CA LEU B 180 -35.81 -8.30 6.21
C LEU B 180 -34.99 -8.68 4.98
N ARG B 181 -34.51 -7.67 4.26
CA ARG B 181 -33.68 -7.89 3.08
C ARG B 181 -32.23 -7.98 3.52
N ILE B 182 -31.60 -9.12 3.23
CA ILE B 182 -30.14 -9.15 3.19
C ILE B 182 -29.67 -8.21 2.10
N LEU B 183 -28.65 -7.44 2.39
CA LEU B 183 -28.21 -6.62 1.29
C LEU B 183 -26.88 -7.13 0.73
N PRO B 184 -26.75 -7.12 -0.58
CA PRO B 184 -25.46 -7.46 -1.21
C PRO B 184 -24.41 -6.41 -0.89
N ASN B 185 -23.18 -6.88 -0.78
CA ASN B 185 -22.05 -5.97 -0.75
C ASN B 185 -21.87 -5.31 -2.11
N PRO B 186 -21.72 -3.98 -2.17
CA PRO B 186 -21.26 -3.36 -3.43
C PRO B 186 -19.92 -3.87 -3.95
N HIS B 187 -19.03 -4.38 -3.12
CA HIS B 187 -17.84 -5.06 -3.66
C HIS B 187 -18.12 -6.52 -3.99
N GLU B 188 -19.20 -6.78 -4.72
CA GLU B 188 -19.33 -8.02 -5.48
C GLU B 188 -19.45 -7.72 -6.96
N ALA B 189 -20.46 -6.95 -7.34
CA ALA B 189 -20.65 -6.62 -8.74
C ALA B 189 -19.84 -5.40 -9.15
N LEU B 190 -19.21 -4.74 -8.19
CA LEU B 190 -18.27 -3.67 -8.50
C LEU B 190 -16.89 -4.01 -7.99
N ALA B 191 -16.51 -5.29 -8.07
CA ALA B 191 -15.14 -5.69 -7.79
C ALA B 191 -14.16 -4.94 -8.68
N GLU B 192 -14.60 -4.53 -9.89
CA GLU B 192 -13.72 -3.84 -10.82
C GLU B 192 -13.15 -2.57 -10.22
N VAL B 193 -13.87 -1.93 -9.29
CA VAL B 193 -13.39 -0.67 -8.72
C VAL B 193 -12.09 -0.90 -7.98
N ASP B 194 -11.87 -2.14 -7.51
CA ASP B 194 -10.63 -2.44 -6.80
C ASP B 194 -9.40 -2.12 -7.64
N ALA B 195 -9.57 -1.94 -8.96
CA ALA B 195 -8.48 -1.52 -9.83
C ALA B 195 -7.76 -0.29 -9.30
N LEU B 196 -8.51 0.65 -8.68
CA LEU B 196 -7.86 1.86 -8.21
C LEU B 196 -6.76 1.56 -7.20
N PHE B 197 -6.95 0.54 -6.35
CA PHE B 197 -5.90 0.11 -5.43
C PHE B 197 -4.69 -0.40 -6.21
N ALA B 198 -4.94 -1.25 -7.21
CA ALA B 198 -3.87 -1.61 -8.13
C ALA B 198 -3.30 -0.36 -8.81
N LYS B 199 -4.17 0.57 -9.27
CA LYS B 199 -3.66 1.79 -9.89
C LYS B 199 -2.75 2.52 -8.91
N GLU B 200 -3.11 2.51 -7.62
CA GLU B 200 -2.31 3.20 -6.62
C GLU B 200 -1.02 2.45 -6.36
N LEU B 201 -1.10 1.12 -6.24
CA LEU B 201 0.10 0.33 -6.00
C LEU B 201 1.08 0.50 -7.15
N TYR B 202 0.53 0.58 -8.37
CA TYR B 202 1.31 0.87 -9.58
C TYR B 202 1.86 2.28 -9.54
N GLY B 203 1.09 3.25 -9.06
CA GLY B 203 1.51 4.64 -9.06
C GLY B 203 2.62 4.95 -8.09
N LYS B 204 2.80 4.11 -7.07
CA LYS B 204 3.95 4.21 -6.17
C LYS B 204 5.13 3.40 -6.67
N GLY B 205 4.98 2.68 -7.76
CA GLY B 205 6.09 1.88 -8.24
C GLY B 205 6.21 0.54 -7.58
N GLU B 206 5.22 0.12 -6.79
CA GLU B 206 5.26 -1.22 -6.19
C GLU B 206 4.73 -2.21 -7.21
N PHE B 207 5.49 -2.35 -8.31
CA PHE B 207 4.99 -3.05 -9.48
C PHE B 207 4.68 -4.50 -9.16
N GLY B 208 5.56 -5.16 -8.43
CA GLY B 208 5.30 -6.55 -8.10
C GLY B 208 3.96 -6.70 -7.42
N GLN B 209 3.67 -5.81 -6.48
CA GLN B 209 2.39 -5.86 -5.80
C GLN B 209 1.24 -5.50 -6.73
N ALA B 210 1.39 -4.43 -7.52
CA ALA B 210 0.31 -4.07 -8.45
C ALA B 210 0.01 -5.22 -9.38
N ALA B 211 1.03 -5.98 -9.76
CA ALA B 211 0.86 -7.12 -10.64
C ALA B 211 0.08 -8.22 -9.95
N ALA B 212 0.45 -8.55 -8.71
CA ALA B 212 -0.34 -9.55 -8.00
C ALA B 212 -1.79 -9.08 -7.86
N TYR B 213 -1.98 -7.78 -7.59
CA TYR B 213 -3.33 -7.23 -7.46
C TYR B 213 -4.12 -7.42 -8.73
N PHE B 214 -3.51 -7.11 -9.87
CA PHE B 214 -4.21 -7.24 -11.13
C PHE B 214 -4.53 -8.69 -11.45
N ARG B 215 -3.61 -9.61 -11.16
CA ARG B 215 -3.91 -11.03 -11.40
C ARG B 215 -5.08 -11.48 -10.54
N GLY B 216 -5.16 -10.95 -9.32
CA GLY B 216 -6.35 -11.16 -8.51
C GLY B 216 -7.59 -10.62 -9.19
N MET B 217 -7.48 -9.46 -9.84
CA MET B 217 -8.60 -8.85 -10.53
C MET B 217 -9.13 -9.70 -11.68
N VAL B 218 -8.23 -10.29 -12.47
CA VAL B 218 -8.67 -11.21 -13.51
C VAL B 218 -9.30 -12.45 -12.87
N GLY B 219 -8.82 -12.88 -11.70
CA GLY B 219 -9.48 -13.95 -10.98
C GLY B 219 -10.76 -13.55 -10.28
N ARG B 220 -10.84 -12.31 -9.75
CA ARG B 220 -12.04 -11.93 -9.02
C ARG B 220 -13.18 -11.62 -9.98
N THR B 221 -13.07 -10.53 -10.72
CA THR B 221 -14.03 -10.19 -11.76
C THR B 221 -13.50 -10.75 -13.07
N GLY B 222 -14.31 -11.57 -13.74
CA GLY B 222 -13.79 -12.45 -14.77
C GLY B 222 -13.05 -11.78 -15.91
N ASN B 223 -12.95 -10.44 -15.85
CA ASN B 223 -12.28 -9.67 -16.90
C ASN B 223 -10.86 -10.14 -17.16
N GLN B 224 -10.53 -10.29 -18.43
CA GLN B 224 -9.16 -10.57 -18.82
C GLN B 224 -8.38 -9.30 -19.05
N ALA B 225 -9.03 -8.14 -19.00
CA ALA B 225 -8.31 -6.91 -19.35
C ALA B 225 -7.36 -6.48 -18.24
N TYR B 226 -7.63 -6.91 -17.01
CA TYR B 226 -6.65 -6.68 -15.96
C TYR B 226 -5.44 -7.57 -16.12
N ALA B 227 -5.53 -8.64 -16.93
CA ALA B 227 -4.35 -9.46 -17.20
C ALA B 227 -3.32 -8.68 -17.99
N LEU B 228 -3.76 -7.80 -18.88
CA LEU B 228 -2.83 -6.97 -19.62
C LEU B 228 -2.12 -6.00 -18.69
N TYR B 229 -2.86 -5.41 -17.75
CA TYR B 229 -2.24 -4.57 -16.74
C TYR B 229 -1.23 -5.37 -15.93
N ALA B 230 -1.61 -6.57 -15.51
CA ALA B 230 -0.69 -7.46 -14.82
C ALA B 230 0.58 -7.66 -15.64
N LEU B 231 0.44 -7.83 -16.95
CA LEU B 231 1.60 -8.00 -17.81
C LEU B 231 2.51 -6.77 -17.74
N LEU B 232 1.91 -5.59 -17.84
CA LEU B 232 2.69 -4.35 -17.80
C LEU B 232 3.43 -4.20 -16.49
N ALA B 233 2.71 -4.44 -15.39
CA ALA B 233 3.29 -4.30 -14.06
C ALA B 233 4.38 -5.33 -13.82
N GLU B 234 4.15 -6.58 -14.25
CA GLU B 234 5.16 -7.63 -14.16
C GLU B 234 6.40 -7.23 -14.94
N MET B 235 6.20 -6.65 -16.13
CA MET B 235 7.31 -6.14 -16.94
C MET B 235 8.12 -5.12 -16.15
N TYR B 236 7.45 -4.17 -15.49
CA TYR B 236 8.20 -3.16 -14.76
C TYR B 236 8.88 -3.74 -13.52
N ARG B 237 8.22 -4.64 -12.80
CA ARG B 237 8.88 -5.32 -11.68
C ARG B 237 10.16 -6.00 -12.14
N ALA B 238 10.07 -6.77 -13.24
CA ALA B 238 11.24 -7.47 -13.75
C ALA B 238 12.31 -6.48 -14.20
N TRP B 239 11.89 -5.44 -14.91
CA TRP B 239 12.84 -4.45 -15.41
C TRP B 239 13.57 -3.77 -14.25
N ARG B 240 12.83 -3.37 -13.21
CA ARG B 240 13.48 -2.78 -12.04
C ARG B 240 14.39 -3.79 -11.36
N ALA B 241 14.02 -5.06 -11.39
CA ALA B 241 14.84 -6.13 -10.80
C ALA B 241 16.08 -6.46 -11.62
N LEU B 242 16.26 -5.80 -12.77
CA LEU B 242 17.31 -6.15 -13.73
C LEU B 242 17.11 -7.55 -14.29
N ASP B 243 15.87 -8.06 -14.25
CA ASP B 243 15.53 -9.31 -14.91
C ASP B 243 14.97 -8.99 -16.30
N PHE B 244 15.90 -8.60 -17.19
CA PHE B 244 15.52 -8.17 -18.53
C PHE B 244 14.93 -9.31 -19.34
N GLY B 245 15.45 -10.53 -19.14
CA GLY B 245 14.81 -11.67 -19.76
C GLY B 245 13.32 -11.73 -19.48
N GLU B 246 12.95 -11.76 -18.19
CA GLU B 246 11.56 -11.73 -17.79
C GLU B 246 10.88 -10.45 -18.24
N ALA B 247 11.58 -9.33 -18.04
CA ALA B 247 10.96 -8.05 -18.37
C ALA B 247 10.46 -8.10 -19.80
N LEU B 248 11.32 -8.58 -20.69
CA LEU B 248 10.98 -8.73 -22.10
C LEU B 248 9.89 -9.77 -22.31
N LYS B 249 9.98 -10.92 -21.65
CA LYS B 249 8.96 -11.95 -21.83
C LYS B 249 7.58 -11.35 -21.59
N ALA B 250 7.41 -10.69 -20.44
CA ALA B 250 6.14 -10.07 -20.11
C ALA B 250 5.78 -8.94 -21.07
N GLY B 251 6.76 -8.10 -21.43
CA GLY B 251 6.44 -6.96 -22.28
C GLY B 251 5.99 -7.39 -23.66
N ARG B 252 6.70 -8.36 -24.24
CA ARG B 252 6.30 -8.97 -25.49
C ARG B 252 4.93 -9.59 -25.40
N LYS B 253 4.64 -10.30 -24.30
CA LYS B 253 3.29 -10.86 -24.16
C LYS B 253 2.24 -9.74 -24.16
N LEU B 254 2.53 -8.64 -23.46
CA LEU B 254 1.59 -7.52 -23.44
C LEU B 254 1.39 -6.92 -24.83
N LEU B 255 2.48 -6.74 -25.58
CA LEU B 255 2.38 -6.13 -26.89
C LEU B 255 1.66 -7.05 -27.88
N GLY B 256 1.83 -8.36 -27.71
CA GLY B 256 1.05 -9.30 -28.51
C GLY B 256 -0.42 -9.27 -28.19
N GLN B 257 -0.77 -9.26 -26.90
CA GLN B 257 -2.17 -9.14 -26.53
C GLN B 257 -2.76 -7.82 -27.05
N LEU B 258 -2.08 -6.71 -26.78
CA LEU B 258 -2.51 -5.41 -27.27
C LEU B 258 -2.60 -5.35 -28.79
N SER B 259 -1.89 -6.24 -29.51
CA SER B 259 -2.05 -6.33 -30.97
C SER B 259 -3.45 -6.82 -31.33
N GLN B 260 -4.03 -7.68 -30.51
CA GLN B 260 -5.23 -8.40 -30.90
C GLN B 260 -6.41 -7.46 -31.10
N ASN B 261 -7.32 -7.86 -31.99
CA ASN B 261 -8.54 -7.11 -32.25
C ASN B 261 -9.36 -6.88 -30.97
N VAL B 262 -9.33 -7.85 -30.06
CA VAL B 262 -10.14 -7.77 -28.84
C VAL B 262 -9.64 -6.66 -27.90
N TRP B 263 -8.33 -6.40 -27.89
CA TRP B 263 -7.76 -5.38 -27.01
C TRP B 263 -7.47 -4.08 -27.73
N LEU B 264 -8.08 -3.88 -28.90
CA LEU B 264 -7.87 -2.64 -29.65
C LEU B 264 -8.21 -1.43 -28.80
N ASN B 265 -9.10 -1.59 -27.81
CA ASN B 265 -9.56 -0.47 -27.02
C ASN B 265 -9.01 -0.46 -25.60
N HIS B 266 -8.28 -1.50 -25.19
CA HIS B 266 -7.66 -1.50 -23.87
C HIS B 266 -6.89 -0.20 -23.68
N PRO B 267 -7.08 0.50 -22.56
CA PRO B 267 -6.53 1.87 -22.45
C PRO B 267 -5.02 1.92 -22.63
N LEU B 268 -4.32 0.81 -22.39
CA LEU B 268 -2.88 0.80 -22.61
C LEU B 268 -2.52 1.15 -24.05
N ASN B 269 -3.43 0.88 -25.00
CA ASN B 269 -3.17 1.23 -26.39
C ASN B 269 -3.02 2.73 -26.59
N ALA B 270 -3.67 3.54 -25.77
CA ALA B 270 -3.46 4.98 -25.93
C ALA B 270 -2.08 5.43 -25.47
N ARG B 271 -1.20 4.45 -25.24
CA ARG B 271 0.18 4.68 -24.89
C ARG B 271 1.13 3.83 -25.73
N ARG B 272 0.63 3.11 -26.76
CA ARG B 272 1.40 2.03 -27.39
C ARG B 272 2.74 2.47 -27.90
N GLU B 273 2.81 3.66 -28.51
CA GLU B 273 4.09 4.17 -28.98
C GLU B 273 5.15 4.09 -27.89
N ALA B 274 4.83 4.56 -26.68
CA ALA B 274 5.76 4.43 -25.55
C ALA B 274 5.99 2.97 -25.18
N LEU B 275 4.91 2.21 -25.03
CA LEU B 275 5.04 0.81 -24.63
C LEU B 275 5.97 0.08 -25.59
N GLU B 276 5.68 0.17 -26.89
CA GLU B 276 6.53 -0.44 -27.90
C GLU B 276 7.98 -0.04 -27.71
N ALA B 277 8.23 1.27 -27.59
CA ALA B 277 9.59 1.75 -27.37
C ALA B 277 10.21 1.01 -26.20
N GLN B 278 9.51 0.98 -25.07
CA GLN B 278 10.05 0.34 -23.88
C GLN B 278 10.38 -1.13 -24.13
N VAL B 279 9.45 -1.89 -24.71
CA VAL B 279 9.76 -3.31 -24.88
C VAL B 279 10.95 -3.48 -25.81
N ALA B 280 11.08 -2.58 -26.80
CA ALA B 280 12.23 -2.62 -27.69
C ALA B 280 13.50 -2.40 -26.90
N LEU B 281 13.48 -1.41 -26.01
CA LEU B 281 14.61 -1.23 -25.10
C LEU B 281 14.94 -2.55 -24.41
N LEU B 282 13.91 -3.20 -23.85
CA LEU B 282 14.15 -4.45 -23.15
C LEU B 282 14.75 -5.48 -24.10
N GLU B 283 14.17 -5.58 -25.31
CA GLU B 283 14.76 -6.43 -26.33
C GLU B 283 16.23 -6.10 -26.50
N ALA B 284 16.54 -4.81 -26.70
CA ALA B 284 17.92 -4.41 -26.95
C ALA B 284 18.82 -4.82 -25.80
N VAL B 285 18.35 -4.65 -24.55
CA VAL B 285 19.17 -5.03 -23.43
C VAL B 285 19.34 -6.53 -23.38
N ASP B 286 18.24 -7.29 -23.51
CA ASP B 286 18.33 -8.73 -23.30
C ASP B 286 19.27 -9.37 -24.31
N ARG B 287 19.21 -8.90 -25.56
CA ARG B 287 20.19 -9.31 -26.57
C ARG B 287 21.60 -8.93 -26.14
N PHE B 288 21.82 -7.64 -25.80
CA PHE B 288 23.16 -7.21 -25.40
C PHE B 288 23.66 -7.99 -24.20
N LEU B 289 22.83 -8.10 -23.16
CA LEU B 289 23.19 -8.91 -22.01
C LEU B 289 23.56 -10.33 -22.44
N LYS B 290 22.79 -10.90 -23.38
CA LYS B 290 23.08 -12.26 -23.84
C LYS B 290 24.30 -12.28 -24.76
N ALA B 291 24.54 -11.19 -25.50
CA ALA B 291 25.68 -11.14 -26.42
C ALA B 291 26.96 -10.72 -25.70
N ARG B 292 26.85 -9.81 -24.73
CA ARG B 292 27.95 -9.22 -23.98
C ARG B 292 28.92 -8.41 -24.85
N ASP B 293 28.54 -8.05 -26.09
CA ASP B 293 29.42 -7.21 -26.92
C ASP B 293 28.91 -5.77 -26.99
N PHE B 294 29.81 -4.84 -26.79
CA PHE B 294 29.41 -3.43 -26.74
C PHE B 294 29.08 -2.84 -28.11
N ALA B 295 29.10 -3.64 -29.18
CA ALA B 295 28.67 -3.12 -30.47
C ALA B 295 27.18 -2.78 -30.47
N LEU B 296 26.38 -3.52 -29.69
CA LEU B 296 24.95 -3.30 -29.54
C LEU B 296 24.75 -2.07 -28.65
N LYS B 297 24.82 -0.91 -29.28
CA LYS B 297 24.73 0.34 -28.53
C LYS B 297 23.36 0.50 -27.87
N GLU B 298 22.30 -0.01 -28.49
CA GLU B 298 20.97 0.14 -27.91
C GLU B 298 20.85 -0.63 -26.59
N GLY B 299 21.40 -1.83 -26.53
CA GLY B 299 21.37 -2.58 -25.28
C GLY B 299 22.23 -1.97 -24.19
N VAL B 300 23.42 -1.50 -24.54
CA VAL B 300 24.23 -0.76 -23.57
C VAL B 300 23.47 0.45 -23.07
N TYR B 301 22.82 1.19 -23.96
CA TYR B 301 22.03 2.34 -23.54
C TYR B 301 20.94 1.94 -22.56
N GLY B 302 20.24 0.85 -22.85
CA GLY B 302 19.15 0.45 -21.99
C GLY B 302 19.62 0.02 -20.63
N LEU B 303 20.70 -0.75 -20.58
CA LEU B 303 21.26 -1.17 -19.29
C LEU B 303 21.79 0.02 -18.51
N ALA B 304 22.50 0.94 -19.17
CA ALA B 304 23.00 2.13 -18.48
C ALA B 304 21.86 3.00 -17.97
N ARG B 305 20.85 3.25 -18.82
CA ARG B 305 19.72 4.08 -18.42
C ARG B 305 18.93 3.43 -17.29
N THR B 306 18.75 2.10 -17.34
CA THR B 306 18.14 1.39 -16.22
C THR B 306 18.96 1.53 -14.95
N LEU B 307 20.25 1.22 -15.01
CA LEU B 307 21.07 1.27 -13.81
C LEU B 307 21.02 2.66 -13.20
N LEU B 308 21.18 3.70 -14.03
CA LEU B 308 21.16 5.06 -13.54
C LEU B 308 19.80 5.44 -12.97
N HIS B 309 18.71 5.01 -13.61
CA HIS B 309 17.38 5.21 -13.03
C HIS B 309 17.29 4.55 -11.66
N LEU B 310 17.80 3.32 -11.54
CA LEU B 310 17.72 2.58 -10.29
C LEU B 310 18.48 3.29 -9.19
N ALA B 311 19.68 3.79 -9.52
CA ALA B 311 20.50 4.50 -8.53
C ALA B 311 19.87 5.83 -8.14
N GLN B 312 19.27 6.51 -9.10
CA GLN B 312 18.63 7.78 -8.81
C GLN B 312 17.49 7.59 -7.82
N GLU B 313 16.68 6.54 -7.99
CA GLU B 313 15.54 6.42 -7.10
C GLU B 313 15.94 5.86 -5.75
N ALA B 314 17.13 5.26 -5.66
CA ALA B 314 17.70 4.73 -4.42
C ALA B 314 18.75 5.65 -3.83
N LYS B 315 18.84 6.88 -4.33
CA LYS B 315 19.91 7.80 -3.95
C LYS B 315 19.83 8.21 -2.47
N GLU B 316 18.63 8.18 -1.88
CA GLU B 316 18.46 8.67 -0.53
C GLU B 316 18.16 7.60 0.52
N GLU B 317 17.53 6.50 0.12
CA GLU B 317 17.11 5.51 1.09
C GLU B 317 17.73 4.13 0.86
N ALA B 318 18.60 3.98 -0.15
CA ALA B 318 19.41 2.78 -0.31
C ALA B 318 20.81 3.19 -0.80
N ALA B 319 21.46 4.12 -0.09
CA ALA B 319 22.68 4.77 -0.59
C ALA B 319 23.74 3.76 -1.05
N VAL B 320 23.91 2.66 -0.33
CA VAL B 320 24.90 1.67 -0.78
C VAL B 320 24.46 1.02 -2.08
N LEU B 321 23.14 0.78 -2.23
CA LEU B 321 22.62 0.25 -3.47
C LEU B 321 22.72 1.28 -4.59
N ALA B 322 22.47 2.54 -4.27
CA ALA B 322 22.60 3.59 -5.28
C ALA B 322 24.02 3.64 -5.81
N ALA B 323 25.00 3.55 -4.92
CA ALA B 323 26.38 3.49 -5.36
C ALA B 323 26.62 2.28 -6.26
N LEU B 324 26.14 1.09 -5.85
CA LEU B 324 26.34 -0.10 -6.68
C LEU B 324 25.83 0.13 -8.09
N TYR B 325 24.60 0.64 -8.19
CA TYR B 325 23.99 0.85 -9.48
C TYR B 325 24.78 1.85 -10.32
N ALA B 326 25.17 2.98 -9.71
CA ALA B 326 25.85 4.01 -10.49
C ALA B 326 27.25 3.57 -10.90
N TYR B 327 27.96 2.85 -10.02
CA TYR B 327 29.29 2.38 -10.39
C TYR B 327 29.21 1.42 -11.55
N ARG B 328 28.23 0.50 -11.53
CA ARG B 328 28.09 -0.43 -12.65
C ARG B 328 27.74 0.32 -13.93
N ALA B 329 26.89 1.35 -13.82
CA ALA B 329 26.51 2.14 -14.99
C ALA B 329 27.72 2.83 -15.60
N LEU B 330 28.55 3.44 -14.77
CA LEU B 330 29.72 4.10 -15.31
C LEU B 330 30.66 3.10 -15.95
N GLU B 331 30.87 1.95 -15.30
CA GLU B 331 31.71 0.93 -15.91
C GLU B 331 31.18 0.53 -17.27
N LEU B 332 29.86 0.38 -17.38
CA LEU B 332 29.26 0.04 -18.66
C LEU B 332 29.54 1.10 -19.70
N LEU B 333 29.23 2.35 -19.39
CA LEU B 333 29.38 3.41 -20.38
C LEU B 333 30.83 3.58 -20.77
N LEU B 334 31.74 3.51 -19.79
CA LEU B 334 33.16 3.61 -20.07
C LEU B 334 33.62 2.45 -20.96
N GLN B 335 33.19 1.22 -20.65
CA GLN B 335 33.62 0.07 -21.44
C GLN B 335 33.08 0.18 -22.86
N GLU B 336 31.88 0.73 -23.03
CA GLU B 336 31.38 0.99 -24.38
C GLU B 336 32.29 2.01 -25.10
N ARG B 337 32.67 3.07 -24.39
CA ARG B 337 33.63 4.02 -24.94
C ARG B 337 34.92 3.35 -25.36
N LEU B 338 35.33 2.32 -24.62
CA LEU B 338 36.57 1.63 -24.94
C LEU B 338 36.41 0.69 -26.13
N ALA B 339 35.23 0.10 -26.29
CA ALA B 339 34.95 -0.69 -27.49
C ALA B 339 34.99 0.20 -28.72
N LEU B 340 34.42 1.40 -28.62
CA LEU B 340 34.47 2.37 -29.72
C LEU B 340 35.89 2.50 -30.26
N LEU B 341 36.83 2.84 -29.37
CA LEU B 341 38.25 2.97 -29.69
C LEU B 341 38.92 1.59 -29.68
N GLY B 342 38.35 0.67 -30.45
CA GLY B 342 39.04 -0.59 -30.69
C GLY B 342 39.08 -1.62 -29.57
N ARG B 343 39.49 -1.22 -28.36
CA ARG B 343 39.94 -2.15 -27.33
C ARG B 343 38.81 -2.64 -26.44
N ARG B 344 39.16 -3.50 -25.48
CA ARG B 344 38.21 -4.01 -24.49
C ARG B 344 38.89 -4.10 -23.13
N ALA B 345 38.24 -3.52 -22.11
CA ALA B 345 38.86 -3.31 -20.80
C ALA B 345 38.64 -4.52 -19.92
N GLU B 346 39.70 -5.32 -19.75
CA GLU B 346 39.69 -6.66 -19.17
C GLU B 346 40.93 -7.33 -19.73
N ALA B 347 41.24 -7.00 -20.98
CA ALA B 347 42.44 -7.40 -21.68
C ALA B 347 42.76 -6.37 -22.74
N PRO B 348 42.99 -5.11 -22.37
CA PRO B 348 43.40 -4.13 -23.38
C PRO B 348 44.85 -4.39 -23.74
N GLY B 349 45.20 -4.12 -25.00
CA GLY B 349 46.59 -4.28 -25.34
C GLY B 349 47.31 -2.98 -25.05
N LEU B 350 47.90 -2.86 -23.86
CA LEU B 350 48.64 -1.65 -23.57
C LEU B 350 50.03 -1.77 -24.19
N SER B 351 50.34 -0.85 -25.10
CA SER B 351 51.72 -0.65 -25.49
C SER B 351 52.50 -0.17 -24.28
N PRO B 352 53.81 -0.41 -24.26
CA PRO B 352 54.62 0.16 -23.17
C PRO B 352 54.52 1.68 -23.07
N GLU B 353 54.45 2.38 -24.22
CA GLU B 353 54.17 3.82 -24.23
C GLU B 353 52.82 4.11 -23.58
N GLU B 354 51.82 3.29 -23.91
CA GLU B 354 50.51 3.45 -23.30
C GLU B 354 50.57 3.19 -21.80
N ALA B 355 51.25 2.12 -21.39
CA ALA B 355 51.33 1.80 -19.96
C ALA B 355 52.01 2.94 -19.20
N GLU B 356 53.06 3.54 -19.77
CA GLU B 356 53.68 4.68 -19.09
C GLU B 356 52.77 5.90 -19.09
N ALA B 357 52.03 6.16 -20.19
CA ALA B 357 51.09 7.27 -20.21
C ALA B 357 50.00 7.09 -19.16
N LEU B 358 49.45 5.88 -19.08
CA LEU B 358 48.42 5.57 -18.10
C LEU B 358 48.94 5.70 -16.68
N ARG B 359 50.17 5.22 -16.44
CA ARG B 359 50.76 5.33 -15.11
C ARG B 359 51.01 6.79 -14.75
N LYS B 360 51.46 7.61 -15.69
CA LYS B 360 51.71 9.01 -15.36
C LYS B 360 50.40 9.73 -15.04
N ALA B 361 49.35 9.47 -15.84
CA ALA B 361 48.05 10.08 -15.59
C ALA B 361 47.48 9.63 -14.26
N LEU B 362 47.47 8.32 -14.01
CA LEU B 362 46.97 7.83 -12.73
C LEU B 362 47.76 8.41 -11.57
N ALA B 363 49.09 8.50 -11.71
CA ALA B 363 49.91 9.05 -10.63
C ALA B 363 49.53 10.50 -10.34
N GLU B 364 49.50 11.35 -11.36
CA GLU B 364 49.15 12.74 -11.14
C GLU B 364 47.64 12.95 -11.02
N LEU B 365 46.91 11.86 -10.83
CA LEU B 365 45.51 11.93 -10.44
C LEU B 365 45.25 11.44 -9.02
N LEU B 366 45.86 10.33 -8.62
CA LEU B 366 45.79 9.77 -7.28
C LEU B 366 46.77 10.39 -6.31
N GLY B 367 47.62 11.31 -6.78
CA GLY B 367 48.57 11.97 -5.91
C GLY B 367 49.75 11.13 -5.47
N VAL B 368 50.35 10.36 -6.39
CA VAL B 368 51.51 9.53 -6.10
C VAL B 368 52.55 9.80 -7.17
N LEU B 369 53.76 9.29 -6.95
CA LEU B 369 54.74 9.31 -8.03
C LEU B 369 54.49 8.14 -8.98
N PRO B 370 54.76 8.31 -10.30
CA PRO B 370 54.40 7.26 -11.28
C PRO B 370 54.95 5.90 -10.96
N GLU B 371 56.12 5.87 -10.32
CA GLU B 371 56.81 4.63 -9.96
C GLU B 371 56.12 3.87 -8.84
N GLU B 372 55.18 4.51 -8.13
CA GLU B 372 54.32 3.82 -7.18
C GLU B 372 53.20 3.05 -7.89
N VAL B 373 52.93 3.34 -9.16
CA VAL B 373 51.74 2.85 -9.85
C VAL B 373 52.00 1.48 -10.46
N ARG B 374 51.22 0.51 -10.04
CA ARG B 374 51.14 -0.78 -10.68
C ARG B 374 49.88 -0.78 -11.53
N LEU B 375 50.02 -1.10 -12.80
CA LEU B 375 48.84 -1.23 -13.64
C LEU B 375 48.21 -2.62 -13.44
N PRO B 376 46.92 -2.70 -13.09
CA PRO B 376 46.28 -4.03 -13.03
C PRO B 376 46.07 -4.56 -14.43
N ALA B 377 45.85 -5.87 -14.51
CA ALA B 377 45.72 -6.52 -15.82
C ALA B 377 44.40 -6.12 -16.50
N LYS B 378 43.29 -6.16 -15.76
CA LYS B 378 42.06 -5.54 -16.23
C LYS B 378 42.07 -4.06 -15.83
N LEU B 379 41.67 -3.20 -16.77
CA LEU B 379 41.43 -1.81 -16.43
C LEU B 379 40.16 -1.72 -15.59
N GLY B 380 40.33 -1.39 -14.31
CA GLY B 380 39.21 -1.01 -13.49
C GLY B 380 38.77 0.40 -13.83
N LEU B 381 37.85 0.91 -13.01
CA LEU B 381 37.07 2.06 -13.40
C LEU B 381 37.93 3.32 -13.57
N LEU B 382 38.81 3.58 -12.61
CA LEU B 382 39.65 4.76 -12.71
C LEU B 382 40.70 4.58 -13.81
N ASP B 383 41.27 3.38 -13.92
CA ASP B 383 42.21 3.11 -15.00
C ASP B 383 41.55 3.35 -16.35
N LEU B 384 40.32 2.87 -16.52
CA LEU B 384 39.55 3.08 -17.74
C LEU B 384 39.30 4.56 -18.01
N LEU B 385 38.91 5.31 -16.98
CA LEU B 385 38.73 6.75 -17.07
C LEU B 385 39.98 7.45 -17.61
N ALA B 386 41.10 7.27 -16.90
CA ALA B 386 42.35 7.95 -17.27
C ALA B 386 42.85 7.50 -18.64
N PHE B 387 42.65 6.23 -18.97
CA PHE B 387 43.12 5.67 -20.24
C PHE B 387 42.33 6.22 -21.42
N LEU B 388 40.99 6.21 -21.31
CA LEU B 388 40.17 6.83 -22.34
C LEU B 388 40.50 8.31 -22.50
N ARG B 389 40.72 9.00 -21.37
CA ARG B 389 41.16 10.39 -21.49
C ARG B 389 42.44 10.49 -22.31
N LEU B 390 43.44 9.65 -22.01
CA LEU B 390 44.72 9.70 -22.71
C LEU B 390 44.65 9.24 -24.15
N LYS B 391 43.60 8.54 -24.55
CA LYS B 391 43.44 8.13 -25.93
C LYS B 391 42.56 9.11 -26.70
N GLY B 392 42.22 10.24 -26.09
CA GLY B 392 41.51 11.30 -26.79
C GLY B 392 40.01 11.12 -26.90
N ASP B 393 39.41 10.35 -25.99
CA ASP B 393 37.96 10.25 -25.92
C ASP B 393 37.37 11.62 -25.65
N GLU B 394 36.53 12.10 -26.57
CA GLU B 394 36.21 13.52 -26.60
C GLU B 394 35.40 13.96 -25.38
N ALA B 395 34.32 13.24 -25.07
CA ALA B 395 33.49 13.62 -23.92
C ALA B 395 34.31 13.64 -22.65
N LEU B 396 35.22 12.68 -22.50
CA LEU B 396 36.04 12.64 -21.29
C LEU B 396 37.09 13.76 -21.26
N GLY B 397 37.49 14.27 -22.43
CA GLY B 397 38.42 15.38 -22.45
C GLY B 397 37.90 16.59 -21.71
N ARG B 398 36.60 16.86 -21.84
CA ARG B 398 35.97 18.04 -21.26
C ARG B 398 36.06 18.11 -19.73
N LEU B 399 36.71 17.12 -19.11
CA LEU B 399 36.84 17.04 -17.65
C LEU B 399 38.09 17.78 -17.18
N SER B 400 37.90 18.87 -16.45
CA SER B 400 39.04 19.57 -15.85
C SER B 400 39.48 18.86 -14.58
N LEU B 401 40.79 18.87 -14.34
CA LEU B 401 41.42 17.98 -13.39
C LEU B 401 40.78 18.03 -12.00
N ALA B 402 39.93 19.02 -11.71
CA ALA B 402 39.35 19.10 -10.37
C ALA B 402 38.21 18.10 -10.19
N GLU B 403 37.24 18.10 -11.11
CA GLU B 403 36.20 17.10 -11.06
C GLU B 403 36.76 15.71 -11.31
N LEU B 404 37.87 15.63 -12.06
CA LEU B 404 38.57 14.35 -12.23
C LEU B 404 39.16 13.88 -10.91
N ARG B 405 39.77 14.78 -10.13
CA ARG B 405 40.29 14.42 -8.81
C ARG B 405 39.17 13.90 -7.92
N GLY B 406 38.04 14.60 -7.92
CA GLY B 406 36.89 14.16 -7.14
C GLY B 406 36.40 12.78 -7.57
N LEU B 407 36.39 12.52 -8.88
CA LEU B 407 36.02 11.20 -9.37
C LEU B 407 37.03 10.14 -8.96
N ALA B 408 38.31 10.50 -8.93
CA ALA B 408 39.32 9.56 -8.46
C ALA B 408 39.11 9.20 -7.01
N GLY B 409 38.85 10.21 -6.17
CA GLY B 409 38.51 9.94 -4.80
C GLY B 409 37.34 8.98 -4.67
N ALA B 410 36.25 9.30 -5.38
CA ALA B 410 35.10 8.39 -5.41
C ALA B 410 35.52 6.99 -5.84
N LEU B 411 36.34 6.90 -6.90
CA LEU B 411 36.66 5.62 -7.53
C LEU B 411 37.46 4.70 -6.63
N LYS B 412 38.22 5.26 -5.69
CA LYS B 412 38.88 4.35 -4.77
C LYS B 412 37.89 3.72 -3.77
N GLY B 413 36.70 4.30 -3.63
CA GLY B 413 35.65 3.68 -2.84
C GLY B 413 34.93 2.53 -3.51
N ARG B 414 35.14 2.30 -4.82
CA ARG B 414 34.67 1.05 -5.41
C ARG B 414 35.53 -0.13 -4.92
N ASN B 415 36.86 0.02 -4.97
CA ASN B 415 37.77 -1.08 -4.63
C ASN B 415 37.50 -1.65 -3.25
N SER B 416 36.94 -0.82 -2.35
CA SER B 416 36.43 -1.30 -1.08
C SER B 416 35.19 -0.50 -0.75
N ALA B 417 34.09 -1.21 -0.46
CA ALA B 417 32.82 -0.59 -0.12
C ALA B 417 32.03 -1.59 0.70
N LEU B 418 30.87 -1.16 1.20
CA LEU B 418 30.08 -2.01 2.07
C LEU B 418 29.66 -3.30 1.37
N LEU B 419 29.25 -3.22 0.10
CA LEU B 419 28.82 -4.39 -0.66
C LEU B 419 29.90 -4.96 -1.57
N VAL B 420 31.07 -4.31 -1.64
CA VAL B 420 32.18 -4.79 -2.46
C VAL B 420 33.16 -5.39 -1.48
N HIS B 421 34.24 -5.99 -1.97
CA HIS B 421 35.21 -6.60 -1.07
C HIS B 421 35.87 -5.46 -0.30
N GLY B 422 35.30 -5.13 0.86
CA GLY B 422 35.59 -3.86 1.49
C GLY B 422 34.54 -3.53 2.55
N PHE B 423 34.54 -2.25 2.98
CA PHE B 423 33.87 -1.96 4.25
C PHE B 423 33.19 -0.61 4.44
N ASP B 424 33.29 0.33 3.50
CA ASP B 424 32.89 1.72 3.70
C ASP B 424 31.56 2.01 3.01
N VAL B 425 30.65 2.65 3.73
CA VAL B 425 29.40 3.12 3.11
C VAL B 425 29.68 4.36 2.28
N PRO B 426 29.26 4.40 1.02
CA PRO B 426 29.78 5.42 0.10
C PRO B 426 29.16 6.79 0.33
N SER B 427 30.02 7.82 0.22
CA SER B 427 29.61 9.20 0.41
C SER B 427 28.63 9.61 -0.67
N PRO B 428 27.51 10.26 -0.32
CA PRO B 428 26.52 10.61 -1.36
C PRO B 428 27.04 11.65 -2.33
N LYS B 429 28.00 12.49 -1.91
CA LYS B 429 28.70 13.38 -2.84
C LYS B 429 29.41 12.57 -3.94
N ALA B 430 30.17 11.55 -3.53
CA ALA B 430 30.88 10.75 -4.52
C ALA B 430 29.91 10.10 -5.49
N VAL B 431 28.82 9.52 -4.97
CA VAL B 431 27.88 8.79 -5.81
C VAL B 431 27.24 9.74 -6.81
N GLU B 432 26.84 10.93 -6.36
CA GLU B 432 26.28 11.89 -7.29
C GLU B 432 27.30 12.32 -8.35
N GLY B 433 28.59 12.41 -7.99
CA GLY B 433 29.59 12.71 -9.01
C GLY B 433 29.75 11.61 -10.03
N ILE B 434 29.80 10.36 -9.55
CA ILE B 434 29.86 9.19 -10.43
C ILE B 434 28.67 9.19 -11.36
N ALA B 435 27.49 9.42 -10.80
CA ALA B 435 26.27 9.41 -11.60
C ALA B 435 26.22 10.59 -12.55
N ARG B 436 26.73 11.76 -12.17
CA ARG B 436 26.74 12.89 -13.09
C ARG B 436 27.61 12.58 -14.31
N LEU B 437 28.80 12.00 -14.06
CA LEU B 437 29.66 11.61 -15.18
C LEU B 437 29.02 10.50 -16.00
N ALA B 438 28.40 9.52 -15.33
CA ALA B 438 27.69 8.47 -16.05
C ALA B 438 26.54 9.04 -16.88
N GLN B 439 25.80 10.00 -16.33
CA GLN B 439 24.70 10.62 -17.06
C GLN B 439 25.22 11.33 -18.31
N GLY B 440 26.33 12.06 -18.17
CA GLY B 440 26.92 12.67 -19.36
C GLY B 440 27.27 11.67 -20.44
N LEU B 441 27.96 10.59 -20.04
CA LEU B 441 28.25 9.55 -21.03
C LEU B 441 26.99 8.93 -21.58
N LEU B 442 25.95 8.84 -20.74
CA LEU B 442 24.72 8.23 -21.19
C LEU B 442 24.14 9.03 -22.34
N GLN B 443 24.08 10.36 -22.17
CA GLN B 443 23.52 11.22 -23.21
C GLN B 443 24.36 11.15 -24.48
N ASP B 444 25.69 11.14 -24.33
CA ASP B 444 26.56 10.90 -25.48
C ASP B 444 26.12 9.63 -26.22
N LEU B 445 25.90 8.55 -25.47
CA LEU B 445 25.51 7.27 -26.07
C LEU B 445 24.13 7.35 -26.70
N GLU B 446 23.21 8.09 -26.06
CA GLU B 446 21.85 8.19 -26.55
C GLU B 446 21.83 8.89 -27.90
N ALA B 447 22.67 9.91 -28.06
CA ALA B 447 22.88 10.56 -29.33
C ALA B 447 23.32 9.55 -30.40
N ARG B 448 23.57 8.31 -30.01
CA ARG B 448 24.21 7.36 -30.89
C ARG B 448 23.47 6.04 -31.02
N THR B 449 22.21 5.95 -30.59
CA THR B 449 21.50 4.67 -30.63
C THR B 449 20.27 4.75 -31.53
N ALA B 450 19.89 3.59 -32.07
CA ALA B 450 18.68 3.49 -32.88
C ALA B 450 17.45 3.89 -32.08
N LEU B 451 17.51 3.71 -30.76
CA LEU B 451 16.37 3.98 -29.89
C LEU B 451 16.02 5.47 -29.86
N GLY B 452 17.04 6.34 -29.80
CA GLY B 452 16.84 7.71 -29.40
C GLY B 452 16.51 7.80 -27.93
N PRO B 453 15.61 8.72 -27.56
CA PRO B 453 15.21 8.83 -26.16
C PRO B 453 13.91 8.10 -25.81
N LEU B 454 13.92 7.40 -24.68
CA LEU B 454 12.73 7.06 -23.92
C LEU B 454 13.23 6.63 -22.55
N SER B 455 12.30 6.52 -21.61
CA SER B 455 12.65 6.45 -20.19
C SER B 455 12.15 5.16 -19.55
N PRO B 456 12.82 4.70 -18.49
CA PRO B 456 12.26 3.57 -17.72
C PRO B 456 10.95 3.91 -17.04
N GLU B 457 10.61 5.20 -16.92
CA GLU B 457 9.43 5.60 -16.15
C GLU B 457 8.16 5.10 -16.84
N PRO B 458 7.17 4.64 -16.07
CA PRO B 458 6.10 3.81 -16.63
C PRO B 458 4.96 4.57 -17.26
N VAL B 459 4.36 3.92 -18.26
CA VAL B 459 3.24 4.45 -19.04
C VAL B 459 1.98 4.53 -18.17
N PRO B 460 1.13 5.54 -18.36
CA PRO B 460 -0.10 5.60 -17.58
C PRO B 460 -0.99 4.41 -17.88
N LEU B 461 -1.66 3.91 -16.83
CA LEU B 461 -2.62 2.83 -16.98
C LEU B 461 -3.79 3.26 -17.85
N GLY B 462 -4.07 4.56 -17.88
CA GLY B 462 -5.20 5.06 -18.62
C GLY B 462 -6.55 4.80 -17.98
N PHE B 463 -6.62 4.67 -16.66
CA PHE B 463 -7.93 4.53 -16.02
C PHE B 463 -8.00 5.13 -14.61
#